data_2XTJ
#
_entry.id   2XTJ
#
_cell.length_a   66.589
_cell.length_b   67.834
_cell.length_c   250.860
_cell.angle_alpha   90.00
_cell.angle_beta   90.00
_cell.angle_gamma   90.00
#
_symmetry.space_group_name_H-M   'P 21 21 21'
#
loop_
_entity.id
_entity.type
_entity.pdbx_description
1 polymer 'PROPROTEIN CONVERTASE SUBTILISIN/KEXIN TYPE 9'
2 polymer 'FAB FROM A HUMAN MONOCLONAL ANTIBODY, 1D05'
3 polymer 'FAB FROM A HUMAN MONOCLONAL ANTIBODY, 1D05'
4 polymer 'FAB FROM A HUMAN MONOCLONAL ANTIBODY, 1D05'
5 polymer 'FAB FROM A HUMAN MONOCLONAL ANTIBODY, 1D05'
6 polymer 'PROPROTEIN CONVERTASE SUBTILISIN-KEXIN TYPE 9'
7 non-polymer 'CALCIUM ION'
8 water water
#
loop_
_entity_poly.entity_id
_entity_poly.type
_entity_poly.pdbx_seq_one_letter_code
_entity_poly.pdbx_strand_id
1 'polypeptide(L)'
;SIPWNLERITPPRYRADEYQPPDGGSLVEVYLLDTSIQSDHREIEGRVMVTDFENVPEEDGTRFHRQASKCDSHGTHLAG
VVSGRDAGVAKGASMRSLRVLNCQGKGTVSGTLIGLEFIRKSQLVQPVGPLVVLLPLAGGYSRVLNAACQRLARAGVVLV
TAAGNFRDDACLYSPASAPEVITVGATNAQDQPVTLGTLGTNFGRCVDLFAPGEDIIGASSDCSTCFVSQSGTSQAAAHV
AGIAAMMLSAEPELTLAELRQRLILFSAKDVINEAWFPEDQRVLTPNLVAALPPSTHGAAGTAAASHHHHHH
;
A
2 'polypeptide(L)'
;DIQMTQSPSSLSASVGDRVTITCRASQGIRSALNWYQQKPGKAPKLLIYNGSTLQSGVPSRFSGSGSGTDFTLTISSLQP
EDFAVYYCQQFDGDPTFGQGTKVEIKR
;
B
3 'polypeptide(L)'
;TVAAPSVFIFPPSDEQLKSGTASVVCLLNNFYPREAKVQWKVDNALQSGNSQESVTEQDSKDSTYSLSSTLTLSKADYEK
HKVYACEVTHQGLSSPVTKSFNRGEA
;
C
4 'polypeptide(L)'
;QVQLVQSGAEVKKPGSSVKVSCKASGGTFNSHAISWVRQAPGQGLEWMGGINPILGIANYAQKFQGRVTITADESTSTAY
MELSSLRSEDTAVYYCARHYEIQIGRYGMNVYYLMYRFASWGQGTLVTVSS
;
D
5 'polypeptide(L)'
;ASTKGPSVFPLAPSSKSTSGGTAALGCLVKDYFPEPVTVSWNSGALTSGVHTFPAVLQSSGLYSLSSVVTVPSSSLGTQT
YICNVNHKPSNTKVDKKVEPKSEFEQKLISEEDLNGAPHHHHHH
;
E
6 'polypeptide(L)'
;MKGSKGSKGSKPMSAEAPEHGTTATFHRCAKDPWRLPGTYVVVLKEETHLSQSERTARRLQAQAARRGYLTKILHVFHGL
LPGFLVKMSGDLLELALKLPHVDYIEEDSSVFAQ
;
P
#
loop_
_chem_comp.id
_chem_comp.type
_chem_comp.name
_chem_comp.formula
CA non-polymer 'CALCIUM ION' 'Ca 2'
#
# COMPACT_ATOMS: atom_id res chain seq x y z
N PRO A 3 1.36 -21.49 -4.45
CA PRO A 3 2.26 -21.66 -3.29
C PRO A 3 1.88 -22.89 -2.46
N TRP A 4 2.67 -23.95 -2.59
CA TRP A 4 2.31 -25.32 -2.15
C TRP A 4 1.69 -25.47 -0.74
N ASN A 5 2.16 -24.68 0.22
CA ASN A 5 1.66 -24.70 1.59
C ASN A 5 0.39 -23.88 1.76
N SER A 26 -14.29 -12.75 16.07
CA SER A 26 -13.87 -12.98 17.47
C SER A 26 -12.34 -12.89 17.62
N LEU A 27 -11.89 -11.95 18.46
CA LEU A 27 -10.46 -11.64 18.54
C LEU A 27 -9.60 -12.60 19.37
N VAL A 28 -8.63 -13.18 18.67
CA VAL A 28 -7.60 -14.05 19.20
C VAL A 28 -6.32 -13.22 19.19
N GLU A 29 -5.40 -13.56 20.08
CA GLU A 29 -4.12 -12.90 20.13
C GLU A 29 -3.02 -13.96 19.95
N VAL A 30 -2.11 -13.74 18.99
CA VAL A 30 -0.98 -14.66 18.77
C VAL A 30 0.31 -14.04 19.29
N TYR A 31 0.90 -14.69 20.28
CA TYR A 31 2.19 -14.23 20.80
C TYR A 31 3.34 -15.02 20.17
N LEU A 32 4.33 -14.30 19.69
CA LEU A 32 5.54 -14.89 19.16
C LEU A 32 6.76 -14.61 20.06
N LEU A 33 7.46 -15.67 20.44
CA LEU A 33 8.71 -15.50 21.17
C LEU A 33 9.83 -15.91 20.23
N ASP A 34 10.69 -14.98 19.88
CA ASP A 34 11.64 -15.21 18.80
C ASP A 34 12.68 -14.11 18.82
N THR A 35 13.35 -13.95 17.69
CA THR A 35 14.30 -12.87 17.49
C THR A 35 13.49 -11.59 17.36
N SER A 36 14.19 -10.46 17.24
CA SER A 36 13.51 -9.22 16.90
C SER A 36 12.84 -9.41 15.53
N ILE A 37 11.92 -8.51 15.23
CA ILE A 37 11.22 -8.55 13.98
C ILE A 37 11.28 -7.19 13.28
N GLN A 38 11.24 -7.21 11.94
N GLN A 38 11.24 -7.21 11.93
CA GLN A 38 11.15 -5.98 11.18
CA GLN A 38 11.15 -5.99 11.11
C GLN A 38 9.67 -5.62 11.02
C GLN A 38 9.67 -5.59 11.00
N SER A 39 9.18 -4.86 12.00
CA SER A 39 7.75 -4.51 12.10
C SER A 39 7.17 -3.69 10.93
N ASP A 40 8.04 -3.01 10.17
CA ASP A 40 7.65 -2.23 8.99
C ASP A 40 7.34 -3.05 7.75
N HIS A 41 7.82 -4.27 7.69
CA HIS A 41 7.64 -5.08 6.52
C HIS A 41 6.20 -4.99 6.01
N ARG A 42 6.04 -4.93 4.69
CA ARG A 42 4.73 -4.77 4.08
C ARG A 42 3.68 -5.84 4.47
N GLU A 43 4.14 -7.02 4.85
CA GLU A 43 3.25 -8.14 5.18
C GLU A 43 2.63 -8.04 6.59
N ILE A 44 3.29 -7.32 7.48
CA ILE A 44 2.96 -7.35 8.90
C ILE A 44 2.77 -5.97 9.51
N GLU A 45 3.16 -4.90 8.81
CA GLU A 45 3.07 -3.55 9.39
C GLU A 45 1.63 -3.14 9.71
N GLY A 46 1.44 -2.58 10.90
CA GLY A 46 0.12 -2.23 11.40
C GLY A 46 -0.66 -3.37 12.04
N ARG A 47 -0.18 -4.61 11.93
CA ARG A 47 -0.90 -5.76 12.52
C ARG A 47 -0.03 -6.54 13.50
N VAL A 48 1.18 -6.06 13.75
CA VAL A 48 2.10 -6.75 14.63
C VAL A 48 2.63 -5.83 15.70
N MET A 49 2.07 -5.94 16.90
CA MET A 49 2.47 -5.11 18.02
C MET A 49 3.79 -5.61 18.61
N VAL A 50 4.85 -4.80 18.49
CA VAL A 50 6.13 -5.12 19.14
C VAL A 50 6.09 -4.71 20.61
N THR A 51 5.94 -5.70 21.49
CA THR A 51 6.00 -5.47 22.94
C THR A 51 7.44 -5.11 23.29
N ASP A 52 7.68 -4.61 24.49
CA ASP A 52 9.06 -4.24 24.80
C ASP A 52 9.82 -5.26 25.61
N PHE A 53 9.27 -6.46 25.75
CA PHE A 53 9.99 -7.52 26.41
C PHE A 53 11.19 -7.93 25.58
N GLU A 54 12.35 -7.97 26.22
CA GLU A 54 13.57 -8.44 25.60
C GLU A 54 14.48 -9.04 26.65
N ASN A 55 14.85 -10.30 26.44
CA ASN A 55 15.75 -10.96 27.35
C ASN A 55 16.60 -11.92 26.54
N VAL A 56 17.83 -11.50 26.26
CA VAL A 56 18.71 -12.25 25.35
C VAL A 56 20.15 -12.28 25.86
N PRO A 57 20.87 -13.40 25.64
CA PRO A 57 22.29 -13.47 25.99
C PRO A 57 23.17 -12.68 25.02
N GLU A 58 24.36 -12.31 25.46
CA GLU A 58 25.34 -11.63 24.62
C GLU A 58 25.73 -12.52 23.44
N GLU A 59 26.16 -11.91 22.33
CA GLU A 59 26.46 -12.66 21.10
C GLU A 59 27.70 -13.53 21.22
N ASP A 60 27.58 -14.81 20.84
CA ASP A 60 28.69 -15.78 20.94
C ASP A 60 29.54 -15.77 19.69
N GLN A 67 26.09 -17.55 9.39
CA GLN A 67 26.42 -16.22 9.88
C GLN A 67 25.84 -15.13 8.98
N ALA A 68 25.16 -15.52 7.91
CA ALA A 68 24.80 -14.58 6.84
C ALA A 68 23.36 -14.05 6.81
N SER A 69 22.50 -14.59 7.66
CA SER A 69 21.13 -14.09 7.80
C SER A 69 21.08 -12.91 8.80
N LYS A 70 20.21 -11.95 8.51
CA LYS A 70 20.08 -10.75 9.36
C LYS A 70 19.62 -11.06 10.77
N CYS A 71 19.82 -10.08 11.63
CA CYS A 71 19.60 -10.23 13.05
C CYS A 71 18.09 -10.38 13.41
N ASP A 72 17.22 -9.96 12.50
CA ASP A 72 15.77 -10.10 12.69
C ASP A 72 15.10 -10.95 11.57
N SER A 73 15.85 -11.88 11.00
CA SER A 73 15.34 -12.60 9.85
C SER A 73 14.45 -13.79 10.21
N HIS A 74 14.79 -14.47 11.30
CA HIS A 74 14.03 -15.62 11.73
C HIS A 74 12.59 -15.26 12.15
N GLY A 75 12.44 -14.20 12.93
CA GLY A 75 11.13 -13.83 13.46
C GLY A 75 10.22 -13.11 12.50
N THR A 76 10.81 -12.27 11.64
CA THR A 76 10.07 -11.57 10.62
C THR A 76 9.43 -12.58 9.68
N HIS A 77 10.19 -13.62 9.32
CA HIS A 77 9.67 -14.68 8.49
C HIS A 77 8.51 -15.41 9.16
N LEU A 78 8.65 -15.73 10.44
CA LEU A 78 7.61 -16.49 11.11
C LEU A 78 6.36 -15.67 11.38
N ALA A 79 6.55 -14.38 11.70
CA ALA A 79 5.41 -13.47 11.82
C ALA A 79 4.66 -13.50 10.50
N GLY A 80 5.42 -13.57 9.41
CA GLY A 80 4.92 -13.67 8.03
C GLY A 80 4.06 -14.89 7.76
N VAL A 81 4.63 -16.08 7.80
CA VAL A 81 3.83 -17.30 7.93
C VAL A 81 2.97 -16.95 9.11
N VAL A 82 1.78 -17.52 9.26
CA VAL A 82 0.94 -17.14 10.43
C VAL A 82 0.05 -15.98 10.09
N SER A 83 0.63 -14.78 10.00
CA SER A 83 -0.20 -13.59 9.91
C SER A 83 0.02 -12.64 8.71
N GLY A 84 0.97 -12.97 7.84
CA GLY A 84 1.30 -12.09 6.72
C GLY A 84 0.10 -11.78 5.83
N ARG A 85 0.00 -10.52 5.39
CA ARG A 85 -1.14 -10.02 4.61
C ARG A 85 -1.48 -10.84 3.36
N ASP A 86 -0.48 -11.26 2.60
CA ASP A 86 -0.74 -12.00 1.38
C ASP A 86 -0.10 -13.40 1.35
N ALA A 87 0.95 -13.60 2.15
CA ALA A 87 1.59 -14.91 2.24
C ALA A 87 1.23 -15.73 3.50
N GLY A 88 0.48 -15.13 4.42
CA GLY A 88 0.24 -15.76 5.72
C GLY A 88 -0.87 -16.81 5.72
N VAL A 89 -0.89 -17.62 6.78
CA VAL A 89 -1.92 -18.66 7.01
C VAL A 89 -3.19 -18.05 7.60
N ALA A 90 -3.04 -17.21 8.62
CA ALA A 90 -4.15 -16.45 9.20
C ALA A 90 -3.96 -15.00 8.80
N LYS A 91 -4.39 -14.67 7.59
CA LYS A 91 -4.09 -13.36 7.00
C LYS A 91 -4.44 -12.15 7.87
N GLY A 92 -5.50 -12.24 8.67
CA GLY A 92 -5.68 -11.30 9.82
C GLY A 92 -4.31 -10.72 10.20
N ALA A 93 -3.63 -11.26 11.21
CA ALA A 93 -4.22 -11.80 12.42
C ALA A 93 -3.46 -10.94 13.45
N SER A 94 -3.91 -10.92 14.70
CA SER A 94 -3.26 -10.01 15.65
C SER A 94 -2.04 -10.69 16.27
N MET A 95 -0.88 -10.02 16.22
CA MET A 95 0.35 -10.62 16.76
C MET A 95 1.10 -9.73 17.74
N ARG A 96 1.71 -10.37 18.73
CA ARG A 96 2.57 -9.65 19.65
C ARG A 96 3.94 -10.30 19.77
N SER A 97 4.96 -9.48 19.59
CA SER A 97 6.33 -9.95 19.51
C SER A 97 7.06 -9.77 20.84
N LEU A 98 7.64 -10.85 21.36
CA LEU A 98 8.52 -10.80 22.53
C LEU A 98 9.88 -11.27 22.10
N ARG A 99 10.94 -10.60 22.54
CA ARG A 99 12.26 -10.98 22.05
C ARG A 99 13.01 -11.93 23.01
N VAL A 100 13.15 -13.20 22.64
CA VAL A 100 13.94 -14.14 23.45
C VAL A 100 15.15 -14.73 22.76
N LEU A 101 15.41 -14.34 21.51
CA LEU A 101 16.57 -14.84 20.76
C LEU A 101 17.43 -13.68 20.29
N ASN A 102 18.75 -13.84 20.35
CA ASN A 102 19.66 -12.78 19.92
C ASN A 102 19.89 -12.81 18.41
N CYS A 103 20.88 -12.04 17.92
CA CYS A 103 21.07 -11.95 16.46
C CYS A 103 21.41 -13.30 15.83
N GLN A 104 22.15 -14.13 16.56
CA GLN A 104 22.52 -15.46 16.09
C GLN A 104 21.43 -16.49 16.37
N GLY A 105 20.23 -16.04 16.76
CA GLY A 105 19.10 -16.94 17.02
C GLY A 105 19.22 -17.78 18.28
N LYS A 106 19.94 -17.25 19.26
CA LYS A 106 20.32 -17.98 20.45
C LYS A 106 19.67 -17.29 21.66
N GLY A 107 18.95 -18.07 22.47
CA GLY A 107 18.33 -17.54 23.69
C GLY A 107 18.72 -18.35 24.91
N THR A 108 17.93 -18.26 25.99
CA THR A 108 18.18 -19.08 27.19
C THR A 108 16.88 -19.63 27.72
N VAL A 109 16.96 -20.77 28.40
CA VAL A 109 15.79 -21.31 29.12
C VAL A 109 15.23 -20.23 30.04
N SER A 110 16.09 -19.56 30.80
CA SER A 110 15.63 -18.55 31.76
C SER A 110 14.89 -17.37 31.11
N GLY A 111 15.47 -16.85 30.02
CA GLY A 111 14.89 -15.72 29.25
C GLY A 111 13.56 -16.13 28.68
N THR A 112 13.47 -17.36 28.20
CA THR A 112 12.21 -17.90 27.74
C THR A 112 11.13 -17.96 28.83
N LEU A 113 11.50 -18.45 30.02
CA LEU A 113 10.60 -18.51 31.18
C LEU A 113 10.06 -17.14 31.53
N ILE A 114 10.94 -16.13 31.50
CA ILE A 114 10.51 -14.79 31.86
C ILE A 114 9.53 -14.25 30.82
N GLY A 115 9.80 -14.55 29.55
CA GLY A 115 8.90 -14.22 28.46
C GLY A 115 7.56 -14.89 28.62
N LEU A 116 7.58 -16.18 28.96
CA LEU A 116 6.33 -16.89 29.21
C LEU A 116 5.56 -16.21 30.34
N GLU A 117 6.31 -15.73 31.32
CA GLU A 117 5.71 -15.10 32.48
C GLU A 117 5.07 -13.76 32.10
N PHE A 118 5.78 -12.99 31.27
CA PHE A 118 5.25 -11.75 30.69
C PHE A 118 3.89 -11.99 30.03
N ILE A 119 3.74 -13.10 29.32
CA ILE A 119 2.49 -13.42 28.64
C ILE A 119 1.35 -13.69 29.60
N ARG A 120 1.65 -14.48 30.64
CA ARG A 120 0.69 -14.81 31.68
C ARG A 120 0.16 -13.55 32.38
N LYS A 121 1.08 -12.64 32.69
CA LYS A 121 0.73 -11.37 33.32
C LYS A 121 -0.28 -10.60 32.47
N SER A 122 -0.04 -10.54 31.16
CA SER A 122 -0.90 -9.76 30.24
C SER A 122 -2.19 -10.49 29.90
N GLN A 123 -2.19 -11.81 30.06
CA GLN A 123 -3.43 -12.56 30.01
C GLN A 123 -4.37 -12.14 31.15
N LEU A 124 -3.84 -12.12 32.37
CA LEU A 124 -4.61 -11.77 33.57
C LEU A 124 -5.03 -10.30 33.60
N VAL A 125 -4.18 -9.42 33.11
CA VAL A 125 -4.46 -7.99 33.22
C VAL A 125 -5.42 -7.51 32.13
N GLN A 126 -5.16 -7.91 30.89
CA GLN A 126 -5.93 -7.41 29.75
C GLN A 126 -6.54 -8.53 28.89
N PRO A 127 -7.51 -9.30 29.46
CA PRO A 127 -8.34 -10.25 28.70
C PRO A 127 -9.57 -9.52 28.14
N VAL A 128 -10.36 -10.06 27.21
CA VAL A 128 -10.16 -11.24 26.31
C VAL A 128 -10.38 -12.68 26.79
N GLY A 129 -10.40 -13.57 25.77
CA GLY A 129 -10.30 -15.03 25.89
C GLY A 129 -9.07 -15.58 25.13
N PRO A 130 -9.25 -16.10 23.89
CA PRO A 130 -8.37 -17.11 23.25
C PRO A 130 -6.95 -16.65 22.92
N LEU A 131 -5.97 -17.39 23.41
CA LEU A 131 -4.59 -16.96 23.38
C LEU A 131 -3.70 -18.06 22.82
N VAL A 132 -2.99 -17.74 21.74
CA VAL A 132 -2.02 -18.66 21.12
C VAL A 132 -0.61 -18.11 21.31
N VAL A 133 0.31 -19.01 21.63
CA VAL A 133 1.72 -18.68 21.84
C VAL A 133 2.57 -19.58 20.98
N LEU A 134 3.41 -18.96 20.15
CA LEU A 134 4.26 -19.69 19.24
C LEU A 134 5.68 -19.71 19.78
N LEU A 135 6.21 -20.92 19.95
CA LEU A 135 7.56 -21.13 20.46
C LEU A 135 8.45 -21.84 19.42
N PRO A 136 8.94 -21.09 18.42
CA PRO A 136 9.75 -21.65 17.34
C PRO A 136 11.20 -21.85 17.78
N LEU A 137 11.38 -22.48 18.93
CA LEU A 137 12.71 -22.73 19.44
C LEU A 137 12.76 -24.07 20.12
N ALA A 138 13.97 -24.54 20.39
CA ALA A 138 14.17 -25.75 21.15
C ALA A 138 15.51 -25.66 21.87
N GLY A 139 15.56 -26.25 23.07
CA GLY A 139 16.82 -26.58 23.76
C GLY A 139 16.76 -28.02 24.25
N GLY A 140 17.73 -28.46 25.04
CA GLY A 140 17.65 -29.79 25.65
C GLY A 140 16.47 -29.94 26.59
N TYR A 141 16.06 -31.19 26.87
CA TYR A 141 14.98 -31.44 27.80
C TYR A 141 15.15 -30.59 29.04
N SER A 142 14.14 -29.77 29.34
CA SER A 142 14.15 -28.94 30.54
C SER A 142 12.89 -29.08 31.39
N ARG A 143 13.09 -29.64 32.59
CA ARG A 143 12.05 -29.81 33.61
C ARG A 143 11.26 -28.48 33.90
N VAL A 144 11.98 -27.36 34.01
CA VAL A 144 11.35 -26.12 34.41
C VAL A 144 10.65 -25.44 33.24
N LEU A 145 11.25 -25.50 32.05
CA LEU A 145 10.57 -25.01 30.85
C LEU A 145 9.28 -25.80 30.66
N ASN A 146 9.36 -27.12 30.60
CA ASN A 146 8.16 -27.97 30.50
C ASN A 146 7.07 -27.65 31.56
N ALA A 147 7.51 -27.24 32.76
CA ALA A 147 6.59 -26.90 33.84
C ALA A 147 5.85 -25.59 33.58
N ALA A 148 6.58 -24.58 33.14
CA ALA A 148 6.00 -23.27 32.84
C ALA A 148 4.94 -23.44 31.77
N CYS A 149 5.26 -24.28 30.78
CA CYS A 149 4.32 -24.59 29.70
C CYS A 149 3.10 -25.27 30.23
N GLN A 150 3.28 -26.26 31.10
CA GLN A 150 2.16 -26.90 31.75
C GLN A 150 1.28 -25.91 32.52
N ARG A 151 1.91 -25.01 33.29
CA ARG A 151 1.14 -24.07 34.11
C ARG A 151 0.33 -23.14 33.22
N LEU A 152 0.91 -22.76 32.09
CA LEU A 152 0.26 -21.83 31.18
C LEU A 152 -0.86 -22.51 30.42
N ALA A 153 -0.71 -23.79 30.14
CA ALA A 153 -1.77 -24.56 29.52
C ALA A 153 -2.99 -24.69 30.44
N ARG A 154 -2.75 -24.90 31.75
CA ARG A 154 -3.85 -24.96 32.73
C ARG A 154 -4.74 -23.71 32.67
N ALA A 155 -4.15 -22.57 32.37
CA ALA A 155 -4.91 -21.34 32.23
C ALA A 155 -5.63 -21.22 30.88
N GLY A 156 -5.53 -22.25 30.05
CA GLY A 156 -6.26 -22.31 28.77
C GLY A 156 -5.51 -21.71 27.60
N VAL A 157 -4.20 -21.52 27.75
CA VAL A 157 -3.34 -21.03 26.67
C VAL A 157 -2.96 -22.13 25.68
N VAL A 158 -3.03 -21.80 24.40
CA VAL A 158 -2.61 -22.71 23.34
C VAL A 158 -1.14 -22.49 23.11
N LEU A 159 -0.34 -23.52 23.38
CA LEU A 159 1.10 -23.45 23.13
C LEU A 159 1.49 -24.34 21.96
N VAL A 160 2.21 -23.74 21.01
CA VAL A 160 2.62 -24.41 19.78
C VAL A 160 4.12 -24.23 19.66
N THR A 161 4.83 -25.35 19.56
CA THR A 161 6.28 -25.29 19.47
C THR A 161 6.81 -26.17 18.34
N ALA A 162 8.03 -25.87 17.90
CA ALA A 162 8.79 -26.73 17.00
C ALA A 162 9.20 -28.05 17.67
N ALA A 163 9.19 -29.15 16.93
CA ALA A 163 9.73 -30.42 17.44
C ALA A 163 11.26 -30.42 17.42
N GLY A 164 11.84 -29.43 16.72
CA GLY A 164 13.29 -29.34 16.57
C GLY A 164 13.83 -30.03 15.33
N ASN A 165 14.98 -29.56 14.87
CA ASN A 165 15.56 -29.95 13.60
C ASN A 165 16.73 -30.95 13.71
N PHE A 166 16.69 -31.88 14.65
CA PHE A 166 17.90 -32.70 14.89
C PHE A 166 17.87 -34.16 14.37
N ARG A 167 16.89 -34.52 13.53
CA ARG A 167 16.67 -35.93 13.14
C ARG A 167 16.84 -36.85 14.36
N ASP A 168 16.11 -36.51 15.42
CA ASP A 168 16.30 -37.10 16.73
C ASP A 168 14.93 -37.29 17.34
N ASP A 169 14.90 -37.94 18.50
CA ASP A 169 13.68 -38.17 19.27
C ASP A 169 13.35 -36.86 19.97
N ALA A 170 12.18 -36.29 19.66
CA ALA A 170 11.79 -34.99 20.21
C ALA A 170 11.68 -34.96 21.74
N CYS A 171 11.36 -36.11 22.33
CA CYS A 171 11.31 -36.23 23.79
C CYS A 171 12.58 -35.76 24.52
N LEU A 172 13.71 -35.68 23.79
CA LEU A 172 14.95 -35.18 24.36
C LEU A 172 15.06 -33.65 24.34
N TYR A 173 14.03 -32.95 23.89
CA TYR A 173 14.10 -31.49 23.68
C TYR A 173 12.98 -30.72 24.38
N SER A 174 13.24 -29.46 24.73
CA SER A 174 12.20 -28.63 25.31
C SER A 174 12.08 -27.31 24.60
N PRO A 175 10.83 -26.81 24.43
CA PRO A 175 9.52 -27.30 24.83
C PRO A 175 8.91 -28.48 24.04
N ALA A 176 9.61 -28.97 23.01
CA ALA A 176 9.07 -30.06 22.19
C ALA A 176 8.53 -31.23 23.02
N SER A 177 9.21 -31.57 24.12
CA SER A 177 8.86 -32.79 24.86
C SER A 177 7.66 -32.66 25.79
N ALA A 178 7.18 -31.43 25.98
CA ALA A 178 6.02 -31.18 26.84
C ALA A 178 4.70 -31.69 26.27
N PRO A 179 4.03 -32.65 26.96
CA PRO A 179 2.62 -32.89 26.55
C PRO A 179 1.93 -31.59 26.90
N GLU A 180 0.70 -31.32 26.50
CA GLU A 180 0.16 -29.97 26.87
C GLU A 180 0.82 -28.74 26.23
N VAL A 181 1.90 -28.95 25.47
CA VAL A 181 2.31 -28.01 24.42
C VAL A 181 2.11 -28.74 23.07
N ILE A 182 1.56 -28.07 22.06
CA ILE A 182 1.36 -28.73 20.75
C ILE A 182 2.65 -28.80 19.95
N THR A 183 3.18 -30.00 19.76
CA THR A 183 4.52 -30.18 19.20
C THR A 183 4.42 -30.56 17.73
N VAL A 184 5.03 -29.74 16.90
CA VAL A 184 4.84 -29.85 15.46
C VAL A 184 6.13 -30.25 14.75
N GLY A 185 6.08 -31.32 13.96
CA GLY A 185 7.22 -31.74 13.14
C GLY A 185 7.03 -31.22 11.73
N ALA A 186 8.09 -31.31 10.92
CA ALA A 186 8.06 -30.78 9.54
C ALA A 186 7.96 -31.84 8.43
N THR A 187 6.95 -31.72 7.57
CA THR A 187 6.94 -32.51 6.32
C THR A 187 7.26 -31.62 5.13
N ASN A 188 7.68 -32.22 4.03
CA ASN A 188 7.99 -31.47 2.82
C ASN A 188 6.81 -31.47 1.84
N ALA A 189 7.08 -31.23 0.54
CA ALA A 189 6.01 -31.15 -0.48
C ALA A 189 5.30 -32.50 -0.73
N GLN A 190 6.06 -33.61 -0.66
CA GLN A 190 5.53 -34.96 -0.80
C GLN A 190 5.14 -35.58 0.55
N ASP A 191 4.89 -34.75 1.55
CA ASP A 191 4.37 -35.21 2.85
C ASP A 191 5.31 -36.17 3.58
N GLN A 192 6.61 -36.04 3.31
CA GLN A 192 7.65 -36.83 3.95
C GLN A 192 8.45 -35.98 4.96
N PRO A 193 9.05 -36.63 5.98
CA PRO A 193 9.87 -35.90 6.93
C PRO A 193 10.89 -34.98 6.22
N VAL A 194 10.96 -33.71 6.64
CA VAL A 194 11.86 -32.75 6.01
C VAL A 194 13.32 -33.07 6.35
N THR A 195 14.16 -33.06 5.31
CA THR A 195 15.61 -33.12 5.51
C THR A 195 16.18 -31.72 5.63
N LEU A 196 17.02 -31.50 6.63
CA LEU A 196 17.63 -30.19 6.83
C LEU A 196 19.12 -30.26 6.50
N GLY A 197 20.04 -29.83 7.36
CA GLY A 197 21.45 -29.85 6.95
C GLY A 197 21.85 -31.31 6.71
N THR A 198 22.71 -31.82 7.58
CA THR A 198 22.88 -33.26 7.67
C THR A 198 21.89 -33.80 8.73
N LEU A 199 20.86 -33.03 9.05
CA LEU A 199 19.90 -33.44 10.05
C LEU A 199 18.47 -33.39 9.47
N GLY A 200 17.50 -32.81 10.19
CA GLY A 200 16.11 -32.79 9.70
C GLY A 200 15.12 -32.80 10.84
N THR A 201 13.83 -32.99 10.52
CA THR A 201 12.79 -32.87 11.54
C THR A 201 12.97 -33.89 12.65
N ASN A 202 12.57 -33.55 13.88
CA ASN A 202 12.52 -34.52 14.94
C ASN A 202 11.30 -35.40 14.77
N PHE A 203 11.26 -36.51 15.50
CA PHE A 203 10.24 -37.56 15.36
C PHE A 203 9.92 -38.23 16.70
N GLY A 204 8.91 -39.08 16.69
CA GLY A 204 8.65 -39.94 17.82
C GLY A 204 7.39 -39.55 18.56
N ARG A 205 7.18 -40.21 19.71
CA ARG A 205 5.93 -40.11 20.46
C ARG A 205 5.65 -38.70 20.99
N CYS A 206 6.68 -37.87 21.01
CA CYS A 206 6.53 -36.52 21.52
C CYS A 206 6.01 -35.52 20.50
N VAL A 207 5.94 -35.95 19.23
CA VAL A 207 5.48 -35.11 18.12
C VAL A 207 3.98 -35.31 17.94
N ASP A 208 3.20 -34.26 18.17
CA ASP A 208 1.76 -34.40 18.13
C ASP A 208 1.19 -34.34 16.72
N LEU A 209 1.84 -33.60 15.85
CA LEU A 209 1.41 -33.58 14.46
C LEU A 209 2.51 -33.04 13.55
N PHE A 210 2.33 -33.27 12.26
CA PHE A 210 3.23 -32.71 11.27
C PHE A 210 2.51 -31.66 10.44
N ALA A 211 3.29 -30.73 9.90
CA ALA A 211 2.76 -29.65 9.07
C ALA A 211 3.83 -29.25 8.07
N PRO A 212 3.43 -28.55 6.99
CA PRO A 212 4.41 -28.13 5.96
C PRO A 212 5.57 -27.33 6.53
N GLY A 213 6.80 -27.79 6.33
CA GLY A 213 7.99 -27.07 6.80
C GLY A 213 9.15 -27.01 5.81
N GLU A 214 8.86 -27.17 4.52
CA GLU A 214 9.90 -27.01 3.51
C GLU A 214 9.62 -25.87 2.50
N ASP A 215 10.63 -25.01 2.31
CA ASP A 215 10.52 -23.84 1.41
C ASP A 215 9.21 -23.09 1.64
N ILE A 216 9.02 -22.58 2.84
CA ILE A 216 7.83 -21.82 3.17
C ILE A 216 8.06 -20.34 2.86
N ILE A 217 7.20 -19.80 2.00
CA ILE A 217 7.30 -18.43 1.54
C ILE A 217 6.71 -17.53 2.61
N GLY A 218 7.43 -16.47 2.94
CA GLY A 218 6.99 -15.47 3.91
C GLY A 218 7.96 -14.30 3.99
N ALA A 219 7.55 -13.25 4.69
CA ALA A 219 8.32 -11.98 4.77
C ALA A 219 9.81 -12.15 5.03
N SER A 220 10.64 -11.59 4.16
CA SER A 220 12.08 -11.49 4.40
C SER A 220 12.35 -10.12 4.97
N SER A 221 13.29 -10.03 5.91
CA SER A 221 13.65 -8.74 6.50
C SER A 221 14.82 -8.12 5.76
N ASP A 222 15.15 -8.67 4.60
CA ASP A 222 16.20 -8.11 3.76
C ASP A 222 15.75 -6.74 3.27
N CYS A 223 14.48 -6.64 2.93
CA CYS A 223 13.87 -5.37 2.57
C CYS A 223 12.40 -5.53 2.82
N SER A 224 11.69 -4.42 2.99
CA SER A 224 10.32 -4.52 3.44
C SER A 224 9.31 -4.90 2.36
N THR A 225 9.80 -5.19 1.16
CA THR A 225 9.01 -5.85 0.13
C THR A 225 9.68 -7.14 -0.35
N CYS A 226 10.59 -7.68 0.45
CA CYS A 226 11.27 -8.95 0.14
C CYS A 226 10.62 -10.17 0.79
N PHE A 227 10.67 -11.32 0.11
CA PHE A 227 10.11 -12.58 0.58
C PHE A 227 11.19 -13.66 0.54
N VAL A 228 11.16 -14.59 1.48
CA VAL A 228 12.21 -15.59 1.57
C VAL A 228 11.58 -16.94 1.79
N SER A 229 12.25 -17.97 1.28
CA SER A 229 11.83 -19.34 1.45
C SER A 229 12.69 -19.94 2.54
N GLN A 230 12.06 -20.52 3.57
CA GLN A 230 12.77 -21.09 4.72
C GLN A 230 12.23 -22.45 5.06
N SER A 231 13.07 -23.30 5.64
CA SER A 231 12.71 -24.67 6.02
C SER A 231 12.95 -24.90 7.52
N GLY A 232 12.13 -25.73 8.13
CA GLY A 232 12.36 -26.14 9.51
C GLY A 232 11.09 -26.41 10.28
N THR A 233 11.25 -26.92 11.51
CA THR A 233 10.11 -27.17 12.38
C THR A 233 9.48 -25.87 12.94
N SER A 234 10.20 -24.75 12.92
CA SER A 234 9.62 -23.43 13.18
C SER A 234 8.45 -23.14 12.25
N GLN A 235 8.70 -23.32 10.97
CA GLN A 235 7.72 -23.06 9.92
C GLN A 235 6.46 -23.89 10.09
N ALA A 236 6.63 -25.19 10.29
CA ALA A 236 5.51 -26.09 10.54
C ALA A 236 4.71 -25.61 11.75
N ALA A 237 5.40 -25.22 12.82
CA ALA A 237 4.74 -24.75 14.01
C ALA A 237 3.95 -23.49 13.73
N ALA A 238 4.58 -22.54 13.04
CA ALA A 238 3.91 -21.29 12.64
C ALA A 238 2.60 -21.55 11.87
N HIS A 239 2.62 -22.58 11.02
CA HIS A 239 1.46 -22.99 10.23
C HIS A 239 0.34 -23.48 11.16
N VAL A 240 0.67 -24.39 12.07
CA VAL A 240 -0.30 -24.89 13.03
C VAL A 240 -0.86 -23.74 13.90
N ALA A 241 -0.02 -22.78 14.28
CA ALA A 241 -0.46 -21.62 15.07
C ALA A 241 -1.49 -20.78 14.32
N GLY A 242 -1.22 -20.50 13.05
CA GLY A 242 -2.16 -19.87 12.15
C GLY A 242 -3.51 -20.56 12.06
N ILE A 243 -3.50 -21.88 11.84
CA ILE A 243 -4.77 -22.65 11.82
C ILE A 243 -5.49 -22.66 13.18
N ALA A 244 -4.77 -22.92 14.25
CA ALA A 244 -5.32 -22.73 15.61
C ALA A 244 -5.98 -21.35 15.81
N ALA A 245 -5.36 -20.28 15.31
CA ALA A 245 -5.91 -18.93 15.42
C ALA A 245 -7.22 -18.76 14.64
N MET A 246 -7.30 -19.34 13.45
CA MET A 246 -8.54 -19.22 12.69
C MET A 246 -9.66 -20.04 13.27
N MET A 247 -9.39 -21.29 13.61
CA MET A 247 -10.36 -22.10 14.35
C MET A 247 -10.91 -21.38 15.60
N LEU A 248 -10.02 -20.71 16.33
CA LEU A 248 -10.45 -20.03 17.55
C LEU A 248 -11.25 -18.76 17.30
N SER A 249 -11.04 -18.09 16.16
CA SER A 249 -11.96 -17.04 15.72
C SER A 249 -13.38 -17.59 15.59
N ALA A 250 -13.56 -18.58 14.72
CA ALA A 250 -14.86 -19.20 14.47
C ALA A 250 -15.54 -19.77 15.71
N GLU A 251 -14.76 -20.36 16.62
CA GLU A 251 -15.28 -21.01 17.84
C GLU A 251 -14.37 -20.76 19.05
N PRO A 252 -14.46 -19.56 19.64
CA PRO A 252 -13.52 -19.18 20.72
C PRO A 252 -13.70 -19.94 22.04
N GLU A 253 -14.42 -21.06 22.03
CA GLU A 253 -14.72 -21.77 23.26
C GLU A 253 -14.29 -23.22 23.25
N LEU A 254 -13.57 -23.60 22.20
CA LEU A 254 -12.93 -24.91 22.14
C LEU A 254 -11.99 -25.09 23.31
N THR A 255 -12.03 -26.27 23.90
CA THR A 255 -11.09 -26.65 24.93
C THR A 255 -9.84 -27.17 24.25
N LEU A 256 -8.70 -27.04 24.92
CA LEU A 256 -7.44 -27.53 24.39
C LEU A 256 -7.57 -28.92 23.75
N ALA A 257 -8.24 -29.84 24.42
CA ALA A 257 -8.42 -31.19 23.91
C ALA A 257 -9.29 -31.23 22.65
N GLU A 258 -10.33 -30.40 22.62
CA GLU A 258 -11.12 -30.20 21.40
C GLU A 258 -10.30 -29.59 20.27
N LEU A 259 -9.56 -28.53 20.58
CA LEU A 259 -8.72 -27.89 19.59
C LEU A 259 -7.77 -28.88 18.97
N ARG A 260 -7.17 -29.72 19.83
CA ARG A 260 -6.18 -30.68 19.41
C ARG A 260 -6.79 -31.78 18.59
N GLN A 261 -8.02 -32.19 18.91
CA GLN A 261 -8.63 -33.25 18.12
C GLN A 261 -8.99 -32.70 16.74
N ARG A 262 -9.33 -31.41 16.69
CA ARG A 262 -9.62 -30.71 15.44
C ARG A 262 -8.37 -30.53 14.57
N LEU A 263 -7.27 -30.11 15.15
CA LEU A 263 -6.01 -29.91 14.41
C LEU A 263 -5.47 -31.21 13.81
N ILE A 264 -5.59 -32.29 14.58
CA ILE A 264 -5.19 -33.62 14.12
C ILE A 264 -6.00 -34.03 12.88
N LEU A 265 -7.33 -33.93 13.00
CA LEU A 265 -8.26 -34.23 11.91
C LEU A 265 -8.05 -33.29 10.72
N PHE A 266 -7.81 -31.99 10.98
CA PHE A 266 -7.51 -31.03 9.91
C PHE A 266 -6.28 -31.40 9.07
N SER A 267 -5.17 -31.73 9.74
CA SER A 267 -3.93 -32.12 9.06
C SER A 267 -4.04 -33.44 8.26
N ALA A 268 -5.27 -33.92 8.05
CA ALA A 268 -5.54 -35.11 7.26
C ALA A 268 -6.43 -34.81 6.04
N LYS A 269 -6.05 -35.41 4.91
CA LYS A 269 -6.85 -35.51 3.67
C LYS A 269 -6.13 -36.50 2.72
N ASP A 270 -6.30 -37.79 3.00
CA ASP A 270 -5.44 -38.84 2.43
C ASP A 270 -6.22 -39.97 1.77
N ASP B 1 0.38 3.79 4.33
CA ASP B 1 1.64 3.02 4.21
C ASP B 1 2.80 3.96 4.54
N ILE B 2 3.55 4.38 3.51
CA ILE B 2 4.51 5.49 3.63
C ILE B 2 3.93 6.65 2.84
N GLN B 3 3.99 7.87 3.36
CA GLN B 3 3.43 8.99 2.60
C GLN B 3 4.50 9.92 2.05
N MET B 4 4.22 10.42 0.86
CA MET B 4 5.16 11.18 0.07
C MET B 4 4.55 12.56 -0.15
N THR B 5 5.31 13.59 0.19
CA THR B 5 4.83 14.95 0.02
C THR B 5 5.71 15.67 -0.99
N GLN B 6 5.09 16.21 -2.02
CA GLN B 6 5.82 16.79 -3.14
C GLN B 6 5.65 18.31 -3.13
N SER B 7 6.71 19.04 -3.49
CA SER B 7 6.70 20.51 -3.48
C SER B 7 7.41 21.10 -4.69
N PRO B 8 6.84 22.17 -5.30
CA PRO B 8 5.50 22.72 -5.05
C PRO B 8 4.45 22.02 -5.92
N SER B 9 3.23 22.56 -5.97
CA SER B 9 2.20 22.01 -6.85
C SER B 9 2.49 22.40 -8.30
N SER B 10 3.14 23.55 -8.46
CA SER B 10 3.15 24.29 -9.70
C SER B 10 4.47 25.02 -9.83
N LEU B 11 4.92 25.22 -11.06
CA LEU B 11 6.18 25.89 -11.34
C LEU B 11 6.09 26.66 -12.65
N SER B 12 6.64 27.87 -12.66
CA SER B 12 6.81 28.56 -13.94
C SER B 12 8.28 28.73 -14.27
N ALA B 13 8.64 28.42 -15.51
CA ALA B 13 10.03 28.50 -15.95
C ALA B 13 10.15 28.67 -17.47
N SER B 14 11.31 29.16 -17.90
CA SER B 14 11.60 29.36 -19.32
C SER B 14 12.65 28.36 -19.76
N VAL B 15 12.67 28.05 -21.06
CA VAL B 15 13.69 27.14 -21.57
C VAL B 15 15.07 27.70 -21.18
N GLY B 16 15.95 26.83 -20.70
CA GLY B 16 17.27 27.24 -20.21
C GLY B 16 17.36 27.36 -18.69
N ASP B 17 16.21 27.43 -18.03
CA ASP B 17 16.16 27.45 -16.55
C ASP B 17 16.66 26.17 -15.92
N ARG B 18 17.20 26.33 -14.72
CA ARG B 18 17.42 25.19 -13.84
C ARG B 18 16.22 25.08 -12.90
N VAL B 19 15.45 24.01 -13.05
CA VAL B 19 14.30 23.79 -12.17
C VAL B 19 14.55 22.60 -11.24
N THR B 20 14.11 22.76 -9.99
CA THR B 20 14.22 21.71 -8.99
C THR B 20 12.88 21.45 -8.32
N ILE B 21 12.39 20.22 -8.45
CA ILE B 21 11.21 19.75 -7.73
C ILE B 21 11.71 19.04 -6.48
N THR B 22 10.95 19.07 -5.41
CA THR B 22 11.42 18.44 -4.19
C THR B 22 10.36 17.52 -3.59
N CYS B 23 10.80 16.40 -3.03
CA CYS B 23 9.87 15.36 -2.56
C CYS B 23 10.31 14.78 -1.22
N ARG B 24 9.35 14.56 -0.33
CA ARG B 24 9.65 14.26 1.07
C ARG B 24 8.89 13.03 1.59
N ALA B 25 9.60 12.13 2.23
CA ALA B 25 9.02 10.88 2.74
C ALA B 25 8.68 10.98 4.23
N SER B 26 7.61 10.30 4.63
CA SER B 26 7.20 10.28 6.03
C SER B 26 8.17 9.49 6.91
N GLN B 27 9.11 8.77 6.31
CA GLN B 27 10.16 8.09 7.06
C GLN B 27 11.35 7.80 6.15
N GLY B 28 12.47 7.34 6.74
CA GLY B 28 13.66 6.98 5.97
C GLY B 28 13.41 5.88 4.95
N ILE B 29 13.92 6.06 3.74
CA ILE B 29 13.75 5.08 2.67
C ILE B 29 15.06 4.85 1.90
N ARG B 30 16.17 5.05 2.60
CA ARG B 30 17.49 5.08 2.00
C ARG B 30 17.37 5.93 0.75
N SER B 31 17.47 5.35 -0.45
CA SER B 31 17.27 6.12 -1.67
C SER B 31 16.26 5.46 -2.62
N ALA B 32 15.36 4.66 -2.06
CA ALA B 32 14.39 3.94 -2.86
C ALA B 32 13.27 4.89 -3.35
N LEU B 33 13.68 5.81 -4.21
CA LEU B 33 12.78 6.79 -4.85
C LEU B 33 12.91 6.83 -6.38
N ASN B 34 11.78 6.92 -7.05
CA ASN B 34 11.69 6.96 -8.51
C ASN B 34 11.08 8.27 -8.92
N TRP B 35 11.49 8.78 -10.08
CA TRP B 35 10.87 9.99 -10.65
C TRP B 35 10.24 9.71 -12.00
N TYR B 36 9.02 10.22 -12.20
CA TYR B 36 8.30 10.03 -13.44
C TYR B 36 7.91 11.36 -14.04
N GLN B 37 7.83 11.38 -15.37
CA GLN B 37 7.27 12.49 -16.12
C GLN B 37 5.97 11.98 -16.72
N GLN B 38 4.94 12.82 -16.70
CA GLN B 38 3.66 12.52 -17.35
C GLN B 38 3.16 13.71 -18.15
N LYS B 39 2.81 13.42 -19.40
CA LYS B 39 2.25 14.39 -20.31
C LYS B 39 0.78 14.02 -20.51
N PRO B 40 -0.06 15.00 -20.91
CA PRO B 40 -1.53 14.77 -21.05
C PRO B 40 -1.91 13.53 -21.87
N GLY B 41 -2.74 12.66 -21.29
CA GLY B 41 -3.25 11.50 -22.00
C GLY B 41 -2.28 10.35 -22.21
N LYS B 42 -1.10 10.42 -21.60
CA LYS B 42 -0.13 9.33 -21.70
C LYS B 42 0.13 8.67 -20.35
N ALA B 43 0.72 7.48 -20.38
CA ALA B 43 1.17 6.81 -19.17
C ALA B 43 2.38 7.56 -18.60
N PRO B 44 2.61 7.51 -17.28
CA PRO B 44 3.86 8.09 -16.77
C PRO B 44 5.07 7.46 -17.44
N LYS B 45 6.20 8.16 -17.37
CA LYS B 45 7.43 7.71 -17.98
C LYS B 45 8.54 7.81 -16.96
N LEU B 46 9.23 6.70 -16.73
CA LEU B 46 10.34 6.64 -15.81
C LEU B 46 11.58 7.39 -16.28
N LEU B 47 12.06 8.28 -15.41
CA LEU B 47 13.22 9.12 -15.65
C LEU B 47 14.41 8.71 -14.79
N ILE B 48 14.15 8.56 -13.49
CA ILE B 48 15.20 8.27 -12.50
C ILE B 48 14.74 7.25 -11.48
N TYR B 49 15.58 6.25 -11.24
CA TYR B 49 15.33 5.29 -10.18
C TYR B 49 16.45 5.28 -9.14
N ASN B 50 16.13 4.76 -7.95
CA ASN B 50 17.05 4.75 -6.81
C ASN B 50 17.70 6.10 -6.53
N GLY B 51 16.86 7.14 -6.58
CA GLY B 51 17.25 8.49 -6.22
C GLY B 51 18.04 9.25 -7.27
N SER B 52 19.06 8.62 -7.85
CA SER B 52 20.05 9.38 -8.62
C SER B 52 20.46 8.78 -9.97
N THR B 53 20.06 7.54 -10.27
CA THR B 53 20.50 6.93 -11.54
C THR B 53 19.46 7.04 -12.66
N LEU B 54 19.96 7.37 -13.86
CA LEU B 54 19.09 7.61 -15.02
C LEU B 54 18.52 6.35 -15.64
N GLN B 55 17.23 6.38 -15.92
CA GLN B 55 16.60 5.30 -16.65
C GLN B 55 17.21 5.26 -18.03
N SER B 56 17.19 4.05 -18.63
CA SER B 56 17.62 3.83 -20.00
C SER B 56 17.19 4.95 -20.94
N GLY B 57 18.14 5.50 -21.67
CA GLY B 57 17.89 6.51 -22.73
C GLY B 57 17.32 7.87 -22.36
N VAL B 58 17.33 8.23 -21.09
CA VAL B 58 16.83 9.52 -20.61
C VAL B 58 17.98 10.54 -20.64
N PRO B 59 17.70 11.77 -21.11
CA PRO B 59 18.76 12.80 -21.28
C PRO B 59 19.42 13.20 -19.99
N SER B 60 20.72 13.47 -20.04
CA SER B 60 21.51 13.79 -18.84
C SER B 60 21.21 15.12 -18.19
N ARG B 61 20.35 15.92 -18.81
CA ARG B 61 19.94 17.18 -18.20
C ARG B 61 19.16 16.89 -16.91
N PHE B 62 18.59 15.69 -16.82
CA PHE B 62 17.83 15.23 -15.65
C PHE B 62 18.76 14.63 -14.62
N SER B 63 18.60 15.01 -13.38
CA SER B 63 19.41 14.44 -12.34
C SER B 63 18.66 14.38 -11.02
N GLY B 64 18.95 13.35 -10.24
CA GLY B 64 18.33 13.16 -8.95
C GLY B 64 19.36 13.14 -7.86
N SER B 65 18.96 13.59 -6.68
CA SER B 65 19.83 13.69 -5.53
C SER B 65 19.01 13.47 -4.29
N GLY B 66 19.65 13.04 -3.20
CA GLY B 66 18.92 12.86 -1.95
C GLY B 66 19.01 11.48 -1.31
N SER B 67 18.83 11.45 0.01
CA SER B 67 19.03 10.26 0.80
C SER B 67 18.31 10.42 2.12
N GLY B 68 17.73 9.32 2.61
CA GLY B 68 16.99 9.32 3.86
C GLY B 68 15.54 9.75 3.73
N THR B 69 15.31 11.06 3.64
CA THR B 69 13.96 11.57 3.74
C THR B 69 13.63 12.67 2.74
N ASP B 70 14.57 13.57 2.48
CA ASP B 70 14.37 14.67 1.54
C ASP B 70 15.09 14.40 0.23
N PHE B 71 14.36 14.51 -0.88
CA PHE B 71 14.88 14.23 -2.22
C PHE B 71 14.69 15.38 -3.20
N THR B 72 15.49 15.39 -4.26
CA THR B 72 15.41 16.44 -5.28
C THR B 72 15.56 15.89 -6.70
N LEU B 73 14.66 16.33 -7.58
CA LEU B 73 14.82 16.17 -9.02
C LEU B 73 15.20 17.50 -9.62
N THR B 74 16.28 17.51 -10.39
CA THR B 74 16.73 18.72 -11.06
C THR B 74 16.70 18.57 -12.57
N ILE B 75 16.03 19.51 -13.24
CA ILE B 75 16.23 19.65 -14.67
C ILE B 75 17.17 20.84 -14.90
N SER B 76 18.35 20.57 -15.46
CA SER B 76 19.46 21.53 -15.44
C SER B 76 19.29 22.66 -16.45
N SER B 77 18.73 22.35 -17.60
CA SER B 77 18.54 23.32 -18.66
C SER B 77 17.29 22.92 -19.46
N LEU B 78 16.15 23.47 -19.04
CA LEU B 78 14.81 23.05 -19.48
C LEU B 78 14.54 23.17 -20.99
N GLN B 79 14.08 22.08 -21.61
CA GLN B 79 13.76 22.07 -23.04
C GLN B 79 12.25 22.21 -23.24
N PRO B 80 11.80 22.55 -24.47
CA PRO B 80 10.36 22.70 -24.69
C PRO B 80 9.55 21.47 -24.30
N GLU B 81 10.10 20.27 -24.51
CA GLU B 81 9.39 19.04 -24.17
C GLU B 81 9.51 18.57 -22.70
N ASP B 82 10.13 19.40 -21.84
CA ASP B 82 10.22 19.11 -20.42
C ASP B 82 9.06 19.69 -19.63
N PHE B 83 8.19 20.45 -20.28
CA PHE B 83 7.01 20.99 -19.62
C PHE B 83 5.98 19.89 -19.51
N ALA B 84 5.74 19.45 -18.29
CA ALA B 84 4.88 18.30 -18.03
C ALA B 84 4.64 18.17 -16.54
N VAL B 85 3.92 17.14 -16.13
CA VAL B 85 3.81 16.85 -14.70
C VAL B 85 4.89 15.83 -14.28
N TYR B 86 5.47 16.05 -13.09
CA TYR B 86 6.46 15.13 -12.53
C TYR B 86 5.97 14.53 -11.22
N TYR B 87 6.19 13.22 -11.06
CA TYR B 87 5.84 12.49 -9.83
C TYR B 87 7.04 11.77 -9.23
N CYS B 88 7.17 11.84 -7.91
CA CYS B 88 8.09 10.96 -7.19
C CYS B 88 7.35 9.71 -6.69
N GLN B 89 8.01 8.56 -6.64
CA GLN B 89 7.42 7.41 -5.94
C GLN B 89 8.42 6.58 -5.17
N GLN B 90 8.04 6.22 -3.95
CA GLN B 90 8.90 5.38 -3.13
C GLN B 90 8.56 3.92 -3.38
N PHE B 91 9.60 3.08 -3.33
CA PHE B 91 9.48 1.63 -3.48
C PHE B 91 10.20 0.88 -2.36
N ASP B 92 10.14 1.44 -1.15
CA ASP B 92 10.77 0.86 -0.01
C ASP B 92 10.12 -0.40 0.60
N GLY B 93 8.83 -0.39 0.95
CA GLY B 93 7.80 0.43 0.37
C GLY B 93 6.44 -0.27 0.42
N ASP B 94 6.00 -0.81 -0.73
CA ASP B 94 4.55 -0.92 -1.09
C ASP B 94 4.28 0.44 -1.71
N PRO B 95 4.33 0.51 -3.04
CA PRO B 95 4.65 1.77 -3.68
C PRO B 95 3.59 2.83 -3.46
N THR B 96 4.07 4.07 -3.44
CA THR B 96 3.30 5.24 -3.01
C THR B 96 3.86 6.47 -3.72
N PHE B 97 3.00 7.37 -4.18
CA PHE B 97 3.43 8.48 -5.03
C PHE B 97 3.26 9.85 -4.38
N GLY B 98 4.05 10.83 -4.83
CA GLY B 98 3.80 12.24 -4.47
C GLY B 98 2.57 12.71 -5.24
N GLN B 99 1.95 13.82 -4.83
N GLN B 99 2.04 13.86 -4.82
CA GLN B 99 0.76 14.35 -5.54
CA GLN B 99 0.85 14.47 -5.39
C GLN B 99 1.09 15.30 -6.70
C GLN B 99 1.07 14.92 -6.85
N GLY B 100 2.32 15.25 -7.18
CA GLY B 100 2.67 15.81 -8.49
C GLY B 100 3.19 17.23 -8.48
N THR B 101 3.90 17.61 -9.53
CA THR B 101 4.33 18.99 -9.75
C THR B 101 4.21 19.30 -11.24
N LYS B 102 3.52 20.39 -11.55
CA LYS B 102 3.33 20.83 -12.92
C LYS B 102 4.37 21.87 -13.26
N VAL B 103 5.13 21.59 -14.32
CA VAL B 103 6.15 22.50 -14.81
C VAL B 103 5.53 23.22 -15.99
N GLU B 104 5.27 24.51 -15.80
CA GLU B 104 4.57 25.34 -16.79
C GLU B 104 5.48 26.43 -17.37
N ILE B 105 5.10 26.94 -18.54
CA ILE B 105 5.92 27.91 -19.29
C ILE B 105 5.75 29.31 -18.70
N LYS B 106 6.87 29.92 -18.35
CA LYS B 106 6.89 31.30 -17.86
C LYS B 106 6.50 32.27 -18.98
N ARG B 107 5.88 33.37 -18.57
CA ARG B 107 5.25 34.33 -19.46
C ARG B 107 4.44 35.29 -18.59
N THR C 1 5.07 36.98 -20.12
CA THR C 1 4.44 38.24 -19.61
C THR C 1 2.96 38.01 -19.21
N VAL C 2 2.51 38.67 -18.15
CA VAL C 2 1.08 38.72 -17.79
C VAL C 2 0.22 39.17 -18.98
N ALA C 3 -0.97 38.61 -19.12
CA ALA C 3 -1.83 38.91 -20.27
C ALA C 3 -3.31 38.86 -19.90
N ALA C 4 -3.97 40.02 -19.98
CA ALA C 4 -5.37 40.17 -19.60
C ALA C 4 -6.30 39.32 -20.49
N PRO C 5 -7.32 38.69 -19.90
CA PRO C 5 -8.28 37.90 -20.69
C PRO C 5 -9.15 38.79 -21.57
N SER C 6 -9.70 38.21 -22.64
CA SER C 6 -10.70 38.87 -23.45
C SER C 6 -12.00 38.15 -23.18
N VAL C 7 -12.94 38.81 -22.50
CA VAL C 7 -14.17 38.16 -22.04
C VAL C 7 -15.21 38.20 -23.15
N PHE C 8 -15.95 37.10 -23.33
CA PHE C 8 -17.04 37.03 -24.29
C PHE C 8 -18.22 36.25 -23.68
N ILE C 9 -19.43 36.72 -23.89
CA ILE C 9 -20.61 36.08 -23.31
C ILE C 9 -21.58 35.56 -24.37
N PHE C 10 -22.16 34.39 -24.12
CA PHE C 10 -23.02 33.72 -25.08
C PHE C 10 -24.39 33.39 -24.48
N PRO C 11 -25.46 33.98 -25.05
CA PRO C 11 -26.79 33.60 -24.59
C PRO C 11 -27.14 32.18 -25.03
N PRO C 12 -28.10 31.53 -24.38
CA PRO C 12 -28.59 30.26 -24.91
C PRO C 12 -29.05 30.38 -26.37
N SER C 13 -28.65 29.40 -27.18
CA SER C 13 -29.14 29.23 -28.54
C SER C 13 -30.65 29.00 -28.52
N ASP C 14 -31.31 29.32 -29.64
CA ASP C 14 -32.75 29.09 -29.76
C ASP C 14 -33.10 27.61 -29.96
N GLU C 15 -32.17 26.84 -30.52
CA GLU C 15 -32.31 25.37 -30.62
C GLU C 15 -32.33 24.75 -29.23
N GLN C 16 -31.39 25.15 -28.37
CA GLN C 16 -31.35 24.64 -27.00
C GLN C 16 -32.57 25.07 -26.20
N LEU C 17 -32.93 26.36 -26.31
CA LEU C 17 -34.10 26.90 -25.64
C LEU C 17 -35.34 26.10 -26.01
N LYS C 18 -35.43 25.72 -27.28
CA LYS C 18 -36.46 24.82 -27.77
C LYS C 18 -36.58 23.57 -26.89
N SER C 19 -35.48 22.81 -26.81
CA SER C 19 -35.46 21.50 -26.14
C SER C 19 -35.76 21.50 -24.62
N GLY C 20 -35.71 22.66 -23.97
CA GLY C 20 -36.13 22.76 -22.57
C GLY C 20 -35.21 23.38 -21.53
N THR C 21 -33.91 23.48 -21.83
CA THR C 21 -32.96 24.06 -20.87
C THR C 21 -32.13 25.21 -21.44
N ALA C 22 -31.48 25.96 -20.56
CA ALA C 22 -30.71 27.14 -20.96
C ALA C 22 -29.32 27.13 -20.37
N SER C 23 -28.33 27.37 -21.23
CA SER C 23 -26.94 27.48 -20.82
C SER C 23 -26.35 28.81 -21.28
N VAL C 24 -25.91 29.61 -20.33
CA VAL C 24 -25.21 30.85 -20.61
C VAL C 24 -23.74 30.54 -20.45
N VAL C 25 -22.95 30.89 -21.46
CA VAL C 25 -21.54 30.56 -21.49
C VAL C 25 -20.70 31.83 -21.44
N CYS C 26 -19.84 31.95 -20.43
CA CYS C 26 -18.85 33.00 -20.42
C CYS C 26 -17.51 32.41 -20.87
N LEU C 27 -16.77 33.17 -21.67
CA LEU C 27 -15.47 32.75 -22.19
C LEU C 27 -14.37 33.75 -21.87
N LEU C 28 -13.31 33.28 -21.22
CA LEU C 28 -12.16 34.13 -20.94
C LEU C 28 -11.04 33.62 -21.80
N ASN C 29 -10.53 34.47 -22.67
CA ASN C 29 -9.70 34.04 -23.78
C ASN C 29 -8.26 34.49 -23.66
N ASN C 30 -7.34 33.53 -23.86
CA ASN C 30 -5.90 33.77 -23.91
C ASN C 30 -5.31 34.65 -22.79
N PHE C 31 -5.48 34.23 -21.54
CA PHE C 31 -4.90 34.96 -20.40
C PHE C 31 -3.72 34.25 -19.73
N TYR C 32 -2.99 35.00 -18.90
CA TYR C 32 -1.89 34.49 -18.10
C TYR C 32 -1.64 35.43 -16.92
N PRO C 33 -1.40 34.89 -15.71
CA PRO C 33 -1.30 33.48 -15.32
C PRO C 33 -2.67 32.82 -15.22
N ARG C 34 -2.70 31.59 -14.72
CA ARG C 34 -3.92 30.78 -14.71
C ARG C 34 -5.02 31.31 -13.81
N GLU C 35 -4.63 31.97 -12.72
CA GLU C 35 -5.60 32.44 -11.74
C GLU C 35 -6.58 33.43 -12.36
N ALA C 36 -7.87 33.13 -12.22
CA ALA C 36 -8.94 34.02 -12.65
C ALA C 36 -10.19 33.72 -11.82
N LYS C 37 -10.91 34.78 -11.48
CA LYS C 37 -12.16 34.67 -10.74
C LYS C 37 -13.26 34.94 -11.74
N VAL C 38 -14.36 34.18 -11.67
CA VAL C 38 -15.52 34.41 -12.53
C VAL C 38 -16.81 34.43 -11.70
N GLN C 39 -17.47 35.58 -11.71
CA GLN C 39 -18.67 35.82 -10.92
C GLN C 39 -19.84 35.98 -11.89
N TRP C 40 -20.89 35.18 -11.69
CA TRP C 40 -22.13 35.33 -12.43
C TRP C 40 -23.11 36.16 -11.61
N LYS C 41 -23.87 37.02 -12.28
CA LYS C 41 -24.99 37.75 -11.65
C LYS C 41 -26.22 37.75 -12.56
N VAL C 42 -27.35 37.29 -12.04
CA VAL C 42 -28.61 37.29 -12.78
C VAL C 42 -29.56 38.33 -12.19
N ASP C 43 -29.89 39.36 -12.97
CA ASP C 43 -30.63 40.53 -12.50
C ASP C 43 -30.01 41.05 -11.21
N ASN C 44 -28.68 41.10 -11.21
CA ASN C 44 -27.87 41.60 -10.07
C ASN C 44 -27.79 40.68 -8.84
N ALA C 45 -28.40 39.49 -8.94
CA ALA C 45 -28.26 38.43 -7.93
C ALA C 45 -27.05 37.54 -8.23
N LEU C 46 -26.06 37.57 -7.33
CA LEU C 46 -24.86 36.74 -7.43
C LEU C 46 -25.21 35.26 -7.38
N GLN C 47 -24.70 34.53 -8.36
CA GLN C 47 -25.04 33.12 -8.53
C GLN C 47 -23.92 32.25 -7.91
N SER C 48 -24.31 31.27 -7.10
CA SER C 48 -23.36 30.51 -6.30
C SER C 48 -23.62 29.00 -6.31
N GLY C 49 -22.64 28.26 -6.80
CA GLY C 49 -22.71 26.79 -6.88
C GLY C 49 -23.61 26.19 -7.96
N ASN C 50 -24.00 27.00 -8.95
CA ASN C 50 -24.73 26.47 -10.11
C ASN C 50 -24.10 26.86 -11.46
N SER C 51 -22.82 27.18 -11.40
CA SER C 51 -21.97 27.27 -12.58
C SER C 51 -20.88 26.21 -12.52
N GLN C 52 -20.19 26.02 -13.65
CA GLN C 52 -19.10 25.06 -13.81
C GLN C 52 -18.05 25.63 -14.75
N GLU C 53 -16.81 25.14 -14.64
CA GLU C 53 -15.70 25.73 -15.36
C GLU C 53 -14.73 24.70 -15.92
N SER C 54 -14.00 25.12 -16.96
CA SER C 54 -12.93 24.36 -17.56
C SER C 54 -11.87 25.33 -17.99
N VAL C 55 -10.62 24.91 -17.86
CA VAL C 55 -9.48 25.70 -18.31
C VAL C 55 -8.68 24.86 -19.30
N THR C 56 -8.21 25.48 -20.38
CA THR C 56 -7.39 24.75 -21.34
C THR C 56 -6.00 24.57 -20.79
N GLU C 57 -5.29 23.59 -21.32
CA GLU C 57 -3.87 23.47 -21.04
C GLU C 57 -3.18 24.62 -21.76
N GLN C 58 -2.03 25.04 -21.23
CA GLN C 58 -1.30 26.18 -21.76
C GLN C 58 -1.07 26.06 -23.26
N ASP C 59 -1.15 27.19 -23.97
CA ASP C 59 -1.18 27.20 -25.44
C ASP C 59 0.14 26.87 -26.14
N SER C 60 0.02 26.13 -27.24
CA SER C 60 1.18 25.66 -28.01
C SER C 60 2.05 26.78 -28.58
N LYS C 61 1.41 27.91 -28.92
CA LYS C 61 2.09 29.03 -29.60
C LYS C 61 2.36 30.26 -28.70
N ASP C 62 1.41 30.59 -27.84
CA ASP C 62 1.54 31.80 -27.03
C ASP C 62 1.50 31.57 -25.51
N SER C 63 1.39 30.30 -25.11
CA SER C 63 1.52 29.88 -23.71
C SER C 63 0.49 30.53 -22.75
N THR C 64 -0.75 30.63 -23.21
CA THR C 64 -1.81 31.18 -22.37
C THR C 64 -2.88 30.16 -22.10
N TYR C 65 -3.70 30.44 -21.10
CA TYR C 65 -4.87 29.63 -20.80
C TYR C 65 -6.13 30.33 -21.32
N SER C 66 -7.19 29.55 -21.44
CA SER C 66 -8.50 30.09 -21.70
C SER C 66 -9.51 29.31 -20.88
N LEU C 67 -10.51 30.03 -20.37
CA LEU C 67 -11.48 29.47 -19.44
C LEU C 67 -12.88 29.60 -20.01
N SER C 68 -13.67 28.53 -19.90
CA SER C 68 -15.09 28.65 -20.17
C SER C 68 -15.90 28.36 -18.92
N SER C 69 -16.80 29.28 -18.58
CA SER C 69 -17.77 29.07 -17.53
C SER C 69 -19.16 28.93 -18.12
N THR C 70 -19.96 28.03 -17.55
CA THR C 70 -21.30 27.75 -18.00
C THR C 70 -22.29 27.85 -16.84
N LEU C 71 -23.22 28.80 -16.93
CA LEU C 71 -24.33 28.89 -15.99
C LEU C 71 -25.51 28.11 -16.51
N THR C 72 -26.12 27.31 -15.65
CA THR C 72 -27.29 26.49 -16.01
C THR C 72 -28.56 26.98 -15.32
N LEU C 73 -29.62 27.13 -16.12
CA LEU C 73 -30.95 27.46 -15.61
C LEU C 73 -31.98 26.68 -16.39
N SER C 74 -33.19 26.61 -15.85
CA SER C 74 -34.34 26.09 -16.59
C SER C 74 -34.89 27.18 -17.53
N LYS C 75 -35.48 26.75 -18.65
CA LYS C 75 -36.12 27.68 -19.59
C LYS C 75 -37.09 28.61 -18.85
N ALA C 76 -37.89 28.04 -17.95
CA ALA C 76 -38.81 28.82 -17.12
C ALA C 76 -38.09 29.89 -16.27
N ASP C 77 -36.94 29.54 -15.69
CA ASP C 77 -36.17 30.50 -14.89
C ASP C 77 -35.47 31.54 -15.75
N TYR C 78 -34.93 31.09 -16.88
CA TYR C 78 -34.27 31.99 -17.80
C TYR C 78 -35.25 33.05 -18.29
N GLU C 79 -36.46 32.62 -18.65
CA GLU C 79 -37.48 33.53 -19.16
C GLU C 79 -38.23 34.25 -18.04
N LYS C 80 -37.58 34.35 -16.89
CA LYS C 80 -38.10 35.10 -15.75
C LYS C 80 -37.17 36.29 -15.41
N HIS C 81 -36.02 36.36 -16.07
CA HIS C 81 -35.04 37.40 -15.76
C HIS C 81 -34.52 38.11 -17.01
N LYS C 82 -33.99 39.32 -16.81
CA LYS C 82 -33.64 40.21 -17.93
C LYS C 82 -32.12 40.37 -18.13
N VAL C 83 -31.40 40.68 -17.06
CA VAL C 83 -29.94 40.92 -17.13
C VAL C 83 -29.12 39.69 -16.71
N TYR C 84 -28.19 39.30 -17.57
CA TYR C 84 -27.31 38.16 -17.32
C TYR C 84 -25.87 38.62 -17.48
N ALA C 85 -25.14 38.60 -16.36
CA ALA C 85 -23.85 39.27 -16.26
C ALA C 85 -22.70 38.35 -15.90
N CYS C 86 -21.63 38.42 -16.69
CA CYS C 86 -20.40 37.67 -16.41
C CYS C 86 -19.30 38.66 -16.00
N GLU C 87 -18.87 38.55 -14.74
CA GLU C 87 -17.85 39.45 -14.19
C GLU C 87 -16.52 38.72 -13.97
N VAL C 88 -15.43 39.34 -14.42
CA VAL C 88 -14.13 38.67 -14.46
C VAL C 88 -13.01 39.44 -13.75
N THR C 89 -12.42 38.80 -12.74
CA THR C 89 -11.29 39.35 -12.02
C THR C 89 -10.06 38.56 -12.41
N HIS C 90 -8.95 39.28 -12.61
CA HIS C 90 -7.69 38.70 -13.06
C HIS C 90 -6.61 39.76 -12.91
N GLN C 91 -5.44 39.34 -12.46
CA GLN C 91 -4.38 40.29 -12.14
C GLN C 91 -3.90 41.16 -13.31
N GLY C 92 -4.36 40.85 -14.52
CA GLY C 92 -3.98 41.63 -15.72
C GLY C 92 -4.95 42.75 -16.04
N LEU C 93 -5.98 42.88 -15.22
CA LEU C 93 -6.97 43.93 -15.37
C LEU C 93 -6.93 44.81 -14.13
N SER C 94 -6.93 46.12 -14.36
CA SER C 94 -6.91 47.10 -13.27
C SER C 94 -8.10 46.97 -12.30
N SER C 95 -9.24 46.51 -12.84
CA SER C 95 -10.45 46.24 -12.05
C SER C 95 -11.38 45.27 -12.82
N PRO C 96 -12.27 44.57 -12.11
CA PRO C 96 -13.16 43.57 -12.70
C PRO C 96 -13.94 44.08 -13.91
N VAL C 97 -13.70 43.47 -15.06
CA VAL C 97 -14.44 43.76 -16.27
C VAL C 97 -15.71 42.93 -16.28
N THR C 98 -16.84 43.56 -16.63
CA THR C 98 -18.13 42.89 -16.69
C THR C 98 -18.61 42.77 -18.13
N LYS C 99 -19.16 41.62 -18.49
CA LYS C 99 -19.73 41.40 -19.82
C LYS C 99 -21.12 40.82 -19.68
N SER C 100 -22.11 41.49 -20.28
CA SER C 100 -23.50 41.11 -20.06
C SER C 100 -24.36 41.27 -21.30
N PHE C 101 -25.60 40.80 -21.18
CA PHE C 101 -26.63 41.02 -22.19
C PHE C 101 -28.02 41.09 -21.55
N ASN C 102 -28.95 41.75 -22.22
CA ASN C 102 -30.36 41.70 -21.84
C ASN C 102 -31.06 40.65 -22.67
N ARG C 103 -31.88 39.83 -22.02
CA ARG C 103 -32.61 38.78 -22.72
C ARG C 103 -33.58 39.39 -23.74
N GLY C 104 -33.39 39.01 -25.01
CA GLY C 104 -34.11 39.61 -26.16
C GLY C 104 -33.47 40.90 -26.68
N GLU C 105 -32.33 40.74 -27.38
CA GLU C 105 -31.51 41.86 -27.93
C GLU C 105 -31.79 43.25 -27.35
N GLN D 1 9.13 -2.29 -29.12
CA GLN D 1 8.32 -3.42 -29.69
C GLN D 1 7.95 -4.42 -28.57
N VAL D 2 8.62 -4.30 -27.42
CA VAL D 2 8.15 -4.86 -26.15
C VAL D 2 7.12 -3.89 -25.59
N GLN D 3 5.92 -4.40 -25.36
CA GLN D 3 4.81 -3.54 -24.95
C GLN D 3 3.77 -4.24 -24.07
N LEU D 4 2.97 -3.44 -23.37
CA LEU D 4 1.83 -3.94 -22.61
C LEU D 4 0.56 -3.29 -23.16
N VAL D 5 -0.37 -4.11 -23.63
CA VAL D 5 -1.57 -3.62 -24.28
C VAL D 5 -2.80 -4.01 -23.47
N GLN D 6 -3.59 -3.01 -23.10
CA GLN D 6 -4.73 -3.24 -22.22
C GLN D 6 -6.03 -3.33 -23.01
N SER D 7 -7.01 -4.02 -22.43
CA SER D 7 -8.39 -4.03 -22.92
C SER D 7 -8.99 -2.62 -22.93
N GLY D 8 -10.15 -2.46 -23.58
CA GLY D 8 -10.69 -1.13 -23.86
C GLY D 8 -11.53 -0.54 -22.76
N ALA D 9 -11.95 0.72 -22.97
CA ALA D 9 -12.80 1.45 -22.03
C ALA D 9 -14.04 0.65 -21.57
N GLU D 10 -14.40 0.81 -20.30
CA GLU D 10 -15.63 0.19 -19.74
C GLU D 10 -16.56 1.25 -19.13
N VAL D 11 -17.85 0.91 -19.05
CA VAL D 11 -18.78 1.67 -18.22
C VAL D 11 -19.58 0.70 -17.36
N LYS D 12 -19.66 0.99 -16.06
CA LYS D 12 -20.29 0.08 -15.11
C LYS D 12 -21.26 0.79 -14.18
N LYS D 13 -22.35 0.13 -13.83
CA LYS D 13 -23.29 0.64 -12.82
C LYS D 13 -22.68 0.43 -11.44
N PRO D 14 -22.87 1.40 -10.52
CA PRO D 14 -22.37 1.25 -9.14
C PRO D 14 -22.82 -0.07 -8.50
N GLY D 15 -21.89 -0.76 -7.85
CA GLY D 15 -22.23 -2.01 -7.19
C GLY D 15 -21.83 -3.24 -7.97
N SER D 16 -21.50 -3.08 -9.25
CA SER D 16 -21.01 -4.19 -10.07
C SER D 16 -19.48 -4.27 -10.04
N SER D 17 -18.92 -5.11 -10.91
CA SER D 17 -17.47 -5.29 -10.99
C SER D 17 -16.93 -5.07 -12.41
N VAL D 18 -15.67 -4.68 -12.50
CA VAL D 18 -14.95 -4.61 -13.77
C VAL D 18 -13.75 -5.57 -13.78
N LYS D 19 -13.43 -6.11 -14.95
CA LYS D 19 -12.23 -6.92 -15.13
C LYS D 19 -11.47 -6.37 -16.34
N VAL D 20 -10.27 -5.83 -16.09
CA VAL D 20 -9.45 -5.20 -17.12
C VAL D 20 -8.24 -6.10 -17.36
N SER D 21 -7.86 -6.29 -18.62
CA SER D 21 -6.73 -7.16 -18.93
C SER D 21 -5.49 -6.38 -19.34
N CYS D 22 -4.34 -7.06 -19.30
CA CYS D 22 -3.06 -6.46 -19.65
C CYS D 22 -2.19 -7.54 -20.30
N LYS D 23 -2.02 -7.45 -21.63
CA LYS D 23 -1.29 -8.45 -22.39
C LYS D 23 0.14 -8.00 -22.68
N ALA D 24 1.10 -8.87 -22.40
CA ALA D 24 2.51 -8.61 -22.64
C ALA D 24 2.93 -9.18 -23.99
N SER D 25 3.80 -8.45 -24.70
CA SER D 25 4.04 -8.69 -26.12
C SER D 25 5.41 -8.25 -26.63
N GLY D 26 6.01 -9.07 -27.49
CA GLY D 26 7.19 -8.68 -28.26
C GLY D 26 8.57 -8.86 -27.65
N GLY D 27 8.66 -9.58 -26.53
CA GLY D 27 9.97 -9.95 -26.00
C GLY D 27 10.08 -11.45 -26.13
N THR D 28 11.27 -12.01 -25.90
CA THR D 28 11.41 -13.46 -25.86
C THR D 28 10.56 -14.06 -24.72
N PHE D 29 10.55 -13.40 -23.56
CA PHE D 29 9.65 -13.79 -22.46
C PHE D 29 8.54 -12.72 -22.31
N ASN D 30 7.34 -13.13 -21.92
CA ASN D 30 6.24 -12.17 -21.77
C ASN D 30 5.42 -12.45 -20.52
N SER D 31 5.88 -13.43 -19.75
CA SER D 31 5.30 -13.67 -18.44
C SER D 31 6.03 -12.82 -17.38
N HIS D 32 5.40 -11.73 -16.96
CA HIS D 32 6.05 -10.76 -16.08
C HIS D 32 5.25 -10.51 -14.83
N ALA D 33 5.94 -9.98 -13.80
CA ALA D 33 5.25 -9.38 -12.65
C ALA D 33 4.58 -8.07 -13.08
N ILE D 34 3.29 -7.95 -12.79
CA ILE D 34 2.48 -6.82 -13.26
C ILE D 34 1.83 -6.09 -12.07
N SER D 35 1.92 -4.75 -12.05
CA SER D 35 1.19 -3.92 -11.09
C SER D 35 0.04 -3.21 -11.77
N TRP D 36 -0.99 -2.87 -10.99
CA TRP D 36 -2.04 -1.98 -11.45
C TRP D 36 -2.03 -0.68 -10.66
N VAL D 37 -2.05 0.43 -11.37
CA VAL D 37 -1.95 1.77 -10.79
C VAL D 37 -3.00 2.65 -11.46
N ARG D 38 -3.90 3.23 -10.67
CA ARG D 38 -5.07 3.96 -11.18
C ARG D 38 -4.85 5.45 -11.04
N GLN D 39 -5.52 6.23 -11.87
CA GLN D 39 -5.47 7.70 -11.78
C GLN D 39 -6.86 8.29 -12.06
N ALA D 40 -7.51 8.82 -11.03
CA ALA D 40 -8.80 9.50 -11.23
C ALA D 40 -8.56 10.82 -11.96
N PRO D 41 -9.56 11.31 -12.72
CA PRO D 41 -9.24 12.39 -13.68
C PRO D 41 -8.85 13.68 -12.97
N GLY D 42 -7.72 14.25 -13.35
CA GLY D 42 -7.20 15.43 -12.66
C GLY D 42 -6.39 15.12 -11.40
N GLN D 43 -6.52 13.90 -10.87
CA GLN D 43 -5.79 13.47 -9.67
C GLN D 43 -4.45 12.84 -10.04
N GLY D 44 -3.78 12.27 -9.05
CA GLY D 44 -2.47 11.65 -9.22
C GLY D 44 -2.53 10.14 -9.25
N LEU D 45 -1.43 9.50 -8.87
CA LEU D 45 -1.26 8.05 -9.07
C LEU D 45 -1.44 7.19 -7.80
N GLU D 46 -2.03 6.01 -7.95
CA GLU D 46 -2.36 5.16 -6.82
C GLU D 46 -2.20 3.66 -7.13
N TRP D 47 -1.23 3.01 -6.48
CA TRP D 47 -0.96 1.59 -6.65
C TRP D 47 -2.05 0.74 -6.01
N MET D 48 -2.45 -0.32 -6.71
CA MET D 48 -3.52 -1.17 -6.21
C MET D 48 -3.04 -2.54 -5.77
N GLY D 49 -1.96 -3.00 -6.39
CA GLY D 49 -1.56 -4.37 -6.22
C GLY D 49 -0.68 -4.86 -7.35
N GLY D 50 -0.28 -6.12 -7.24
CA GLY D 50 0.61 -6.74 -8.20
C GLY D 50 0.49 -8.25 -8.08
N ILE D 51 0.72 -8.93 -9.19
CA ILE D 51 0.78 -10.39 -9.24
C ILE D 51 2.25 -10.72 -9.49
N ASN D 52 2.76 -11.71 -8.77
CA ASN D 52 4.18 -12.06 -8.85
C ASN D 52 4.31 -13.53 -9.22
N PRO D 53 4.42 -13.82 -10.53
CA PRO D 53 4.32 -15.20 -11.00
C PRO D 53 5.43 -16.14 -10.51
N ILE D 54 6.62 -15.62 -10.20
CA ILE D 54 7.66 -16.49 -9.63
C ILE D 54 7.34 -16.83 -8.16
N LEU D 55 7.06 -15.82 -7.37
CA LEU D 55 6.67 -16.02 -5.99
C LEU D 55 5.36 -16.79 -5.90
N GLY D 56 4.55 -16.71 -6.95
CA GLY D 56 3.26 -17.36 -6.99
C GLY D 56 2.17 -16.73 -6.15
N ILE D 57 2.34 -15.48 -5.71
CA ILE D 57 1.26 -14.78 -4.96
C ILE D 57 1.02 -13.36 -5.50
N ALA D 58 -0.13 -12.77 -5.14
CA ALA D 58 -0.38 -11.35 -5.35
C ALA D 58 -0.06 -10.56 -4.07
N ASN D 59 0.28 -9.28 -4.22
CA ASN D 59 0.31 -8.34 -3.11
C ASN D 59 -0.73 -7.25 -3.35
N TYR D 60 -1.62 -7.06 -2.39
CA TYR D 60 -2.66 -6.04 -2.53
C TYR D 60 -2.39 -4.84 -1.65
N ALA D 61 -2.80 -3.67 -2.13
CA ALA D 61 -2.68 -2.44 -1.38
C ALA D 61 -3.74 -2.47 -0.32
N GLN D 62 -3.37 -2.04 0.88
CA GLN D 62 -4.25 -2.04 2.04
C GLN D 62 -5.61 -1.38 1.79
N LYS D 63 -5.60 -0.23 1.12
CA LYS D 63 -6.83 0.48 0.70
C LYS D 63 -7.73 -0.32 -0.25
N PHE D 64 -7.23 -1.42 -0.82
CA PHE D 64 -8.02 -2.17 -1.79
C PHE D 64 -8.23 -3.62 -1.40
N GLN D 65 -7.67 -4.02 -0.26
CA GLN D 65 -7.80 -5.39 0.20
C GLN D 65 -9.26 -5.77 0.35
N GLY D 66 -9.65 -6.86 -0.31
CA GLY D 66 -11.04 -7.30 -0.27
C GLY D 66 -11.87 -6.90 -1.48
N ARG D 67 -11.41 -5.90 -2.25
CA ARG D 67 -12.12 -5.44 -3.46
C ARG D 67 -11.42 -5.82 -4.76
N VAL D 68 -10.08 -5.85 -4.75
CA VAL D 68 -9.30 -6.29 -5.90
C VAL D 68 -8.80 -7.69 -5.76
N THR D 69 -9.03 -8.46 -6.80
CA THR D 69 -8.28 -9.67 -7.02
C THR D 69 -7.53 -9.50 -8.34
N ILE D 70 -6.27 -9.93 -8.36
CA ILE D 70 -5.39 -9.79 -9.51
C ILE D 70 -4.83 -11.16 -9.88
N THR D 71 -5.11 -11.58 -11.11
CA THR D 71 -4.73 -12.91 -11.58
C THR D 71 -3.89 -12.81 -12.84
N ALA D 72 -3.41 -13.97 -13.31
CA ALA D 72 -2.67 -14.07 -14.57
C ALA D 72 -3.00 -15.38 -15.27
N ASP D 73 -3.40 -15.29 -16.55
CA ASP D 73 -3.63 -16.48 -17.38
C ASP D 73 -2.27 -17.02 -17.85
N GLU D 74 -1.91 -18.21 -17.35
CA GLU D 74 -0.58 -18.80 -17.59
C GLU D 74 -0.29 -19.10 -19.06
N SER D 75 -1.34 -19.22 -19.87
CA SER D 75 -1.21 -19.56 -21.29
C SER D 75 -1.03 -18.37 -22.24
N THR D 76 -1.43 -17.17 -21.82
CA THR D 76 -1.66 -16.10 -22.79
C THR D 76 -0.90 -14.80 -22.51
N SER D 77 0.09 -14.86 -21.62
CA SER D 77 0.89 -13.69 -21.24
C SER D 77 0.02 -12.50 -20.80
N THR D 78 -1.13 -12.80 -20.20
CA THR D 78 -2.13 -11.78 -19.85
C THR D 78 -2.42 -11.75 -18.35
N ALA D 79 -2.34 -10.56 -17.75
CA ALA D 79 -2.72 -10.34 -16.36
C ALA D 79 -4.00 -9.54 -16.24
N TYR D 80 -4.85 -9.93 -15.29
CA TYR D 80 -6.16 -9.32 -15.09
C TYR D 80 -6.23 -8.58 -13.77
N MET D 81 -7.03 -7.52 -13.75
CA MET D 81 -7.33 -6.77 -12.54
C MET D 81 -8.84 -6.71 -12.43
N GLU D 82 -9.37 -7.29 -11.36
CA GLU D 82 -10.80 -7.27 -11.13
C GLU D 82 -11.17 -6.47 -9.89
N LEU D 83 -11.88 -5.37 -10.10
CA LEU D 83 -12.34 -4.51 -9.02
C LEU D 83 -13.84 -4.62 -8.90
N SER D 84 -14.33 -4.87 -7.70
CA SER D 84 -15.77 -5.00 -7.46
C SER D 84 -16.31 -4.01 -6.43
N SER D 85 -17.64 -4.00 -6.28
CA SER D 85 -18.37 -3.03 -5.47
C SER D 85 -18.07 -1.62 -5.95
N LEU D 86 -18.14 -1.44 -7.26
CA LEU D 86 -17.78 -0.18 -7.88
C LEU D 86 -18.62 0.96 -7.33
N ARG D 87 -18.00 2.13 -7.23
CA ARG D 87 -18.69 3.33 -6.80
C ARG D 87 -18.17 4.45 -7.70
N SER D 88 -18.87 5.59 -7.73
CA SER D 88 -18.45 6.74 -8.55
C SER D 88 -16.95 7.03 -8.44
N GLU D 89 -16.46 6.97 -7.20
CA GLU D 89 -15.08 7.28 -6.84
C GLU D 89 -14.07 6.39 -7.57
N ASP D 90 -14.51 5.22 -8.05
CA ASP D 90 -13.67 4.30 -8.80
C ASP D 90 -13.46 4.70 -10.27
N THR D 91 -14.17 5.73 -10.73
CA THR D 91 -13.98 6.28 -12.07
C THR D 91 -12.54 6.75 -12.16
N ALA D 92 -11.78 6.18 -13.08
CA ALA D 92 -10.35 6.47 -13.22
C ALA D 92 -9.80 5.85 -14.48
N VAL D 93 -8.61 6.27 -14.89
CA VAL D 93 -7.84 5.48 -15.85
C VAL D 93 -7.03 4.41 -15.08
N TYR D 94 -7.20 3.14 -15.40
CA TYR D 94 -6.45 2.09 -14.74
C TYR D 94 -5.26 1.66 -15.60
N TYR D 95 -4.06 1.81 -15.07
CA TYR D 95 -2.85 1.41 -15.78
C TYR D 95 -2.30 0.10 -15.27
N CYS D 96 -1.74 -0.71 -16.16
CA CYS D 96 -0.86 -1.78 -15.71
C CYS D 96 0.56 -1.33 -15.94
N ALA D 97 1.47 -1.77 -15.07
CA ALA D 97 2.88 -1.52 -15.27
C ALA D 97 3.63 -2.74 -14.74
N ARG D 98 4.71 -3.08 -15.42
CA ARG D 98 5.56 -4.17 -14.97
C ARG D 98 6.49 -3.75 -13.80
N HIS D 99 6.56 -4.59 -12.78
CA HIS D 99 7.62 -4.52 -11.77
C HIS D 99 8.46 -5.81 -11.81
N TYR D 100 9.39 -5.99 -10.87
CA TYR D 100 10.31 -7.14 -10.98
C TYR D 100 10.36 -7.98 -9.73
N GLU D 101 10.58 -9.27 -9.91
CA GLU D 101 10.89 -10.15 -8.80
C GLU D 101 12.31 -10.60 -9.00
N ILE D 102 13.25 -9.87 -8.39
CA ILE D 102 14.67 -10.16 -8.49
C ILE D 102 15.13 -11.17 -7.44
N GLN D 103 15.80 -12.24 -7.87
CA GLN D 103 16.48 -13.18 -6.95
C GLN D 103 17.72 -12.54 -6.32
N ILE D 104 17.62 -12.15 -5.04
CA ILE D 104 18.74 -11.55 -4.30
C ILE D 104 19.32 -12.45 -3.20
N GLY D 105 18.98 -13.73 -3.23
CA GLY D 105 19.41 -14.66 -2.20
C GLY D 105 20.85 -15.13 -2.35
N ARG D 106 21.52 -15.31 -1.22
CA ARG D 106 22.88 -15.84 -1.14
C ARG D 106 22.88 -17.21 -0.48
N TYR D 107 23.80 -18.07 -0.90
CA TYR D 107 24.12 -19.33 -0.20
C TYR D 107 23.34 -20.65 -0.44
N GLY D 108 22.16 -20.70 -1.08
CA GLY D 108 21.06 -19.76 -1.01
C GLY D 108 19.79 -20.62 -0.97
N MET D 109 18.62 -20.13 -0.53
CA MET D 109 18.23 -18.72 -0.38
C MET D 109 18.41 -18.11 -1.76
N ASN D 110 17.36 -17.86 -2.52
CA ASN D 110 15.93 -17.90 -2.21
C ASN D 110 15.17 -16.76 -1.60
N VAL D 111 15.66 -15.57 -1.90
CA VAL D 111 15.04 -14.34 -1.47
C VAL D 111 14.53 -13.62 -2.70
N TYR D 112 13.23 -13.42 -2.77
CA TYR D 112 12.67 -12.71 -3.88
C TYR D 112 12.35 -11.29 -3.48
N TYR D 113 13.04 -10.34 -4.12
CA TYR D 113 12.84 -8.90 -3.90
C TYR D 113 11.84 -8.38 -4.91
N LEU D 114 10.72 -7.82 -4.42
CA LEU D 114 9.77 -7.19 -5.32
C LEU D 114 10.14 -5.73 -5.44
N MET D 115 10.69 -5.39 -6.60
CA MET D 115 11.21 -4.07 -6.88
C MET D 115 10.23 -3.30 -7.75
N TYR D 116 9.60 -2.29 -7.17
CA TYR D 116 8.56 -1.52 -7.85
C TYR D 116 9.16 -0.37 -8.69
N ARG D 117 9.79 -0.74 -9.79
CA ARG D 117 10.43 0.21 -10.71
C ARG D 117 9.64 0.21 -12.01
N PHE D 118 8.74 1.17 -12.17
CA PHE D 118 7.75 1.10 -13.25
C PHE D 118 8.26 1.69 -14.57
N ALA D 119 9.10 0.91 -15.26
CA ALA D 119 9.69 1.34 -16.51
C ALA D 119 8.71 1.19 -17.68
N SER D 120 7.86 0.18 -17.62
CA SER D 120 7.04 -0.18 -18.74
C SER D 120 5.52 -0.20 -18.40
N TRP D 121 4.75 0.64 -19.09
CA TRP D 121 3.26 0.71 -18.99
C TRP D 121 2.79 0.41 -20.43
N GLY D 122 1.64 -0.22 -20.69
CA GLY D 122 0.37 0.01 -20.03
C GLY D 122 -0.17 1.23 -20.78
N GLN D 123 -1.13 1.06 -21.69
CA GLN D 123 -1.70 2.30 -22.31
C GLN D 123 -2.81 2.98 -21.49
N GLY D 124 -3.40 2.25 -20.54
CA GLY D 124 -4.51 2.78 -19.77
C GLY D 124 -5.86 2.33 -20.26
N THR D 125 -6.76 2.16 -19.31
CA THR D 125 -8.13 1.77 -19.56
C THR D 125 -9.01 2.70 -18.73
N LEU D 126 -9.90 3.43 -19.40
CA LEU D 126 -10.84 4.28 -18.70
C LEU D 126 -12.01 3.44 -18.25
N VAL D 127 -12.25 3.45 -16.95
CA VAL D 127 -13.41 2.79 -16.39
C VAL D 127 -14.27 3.88 -15.78
N THR D 128 -15.50 3.99 -16.28
CA THR D 128 -16.46 4.97 -15.79
C THR D 128 -17.53 4.26 -14.97
N VAL D 129 -17.82 4.77 -13.77
CA VAL D 129 -18.86 4.21 -12.92
C VAL D 129 -19.96 5.25 -12.69
N SER D 130 -21.18 4.93 -13.12
CA SER D 130 -22.27 5.90 -13.15
C SER D 130 -23.62 5.19 -13.28
N SER D 131 -24.64 5.74 -12.65
CA SER D 131 -25.96 5.06 -12.63
C SER D 131 -26.91 5.55 -13.72
N ALA E 1 -25.36 6.98 -15.22
CA ALA E 1 -26.05 7.30 -16.49
C ALA E 1 -26.00 6.11 -17.45
N SER E 2 -26.71 6.25 -18.57
CA SER E 2 -26.64 5.29 -19.66
C SER E 2 -25.93 5.94 -20.81
N THR E 3 -25.34 5.12 -21.67
CA THR E 3 -24.69 5.59 -22.87
C THR E 3 -25.67 6.51 -23.60
N LYS E 4 -25.18 7.67 -24.06
CA LYS E 4 -26.00 8.69 -24.70
C LYS E 4 -25.18 9.66 -25.55
N GLY E 5 -25.70 9.97 -26.72
CA GLY E 5 -25.09 10.96 -27.61
C GLY E 5 -25.38 12.40 -27.18
N PRO E 6 -24.50 13.32 -27.58
CA PRO E 6 -24.73 14.70 -27.19
C PRO E 6 -25.70 15.42 -28.13
N SER E 7 -26.18 16.57 -27.68
CA SER E 7 -26.76 17.57 -28.56
C SER E 7 -25.66 18.60 -28.84
N VAL E 8 -25.66 19.16 -30.05
CA VAL E 8 -24.69 20.19 -30.38
C VAL E 8 -25.42 21.49 -30.68
N PHE E 9 -25.15 22.51 -29.87
CA PHE E 9 -25.78 23.82 -29.99
C PHE E 9 -24.79 24.86 -30.48
N PRO E 10 -25.25 25.86 -31.26
CA PRO E 10 -24.29 26.83 -31.74
C PRO E 10 -23.95 27.86 -30.67
N LEU E 11 -22.68 28.26 -30.62
CA LEU E 11 -22.30 29.44 -29.86
C LEU E 11 -22.04 30.51 -30.89
N ALA E 12 -23.12 31.21 -31.24
CA ALA E 12 -23.16 32.18 -32.35
C ALA E 12 -22.30 33.40 -32.10
N PRO E 13 -21.55 33.85 -33.12
CA PRO E 13 -20.79 35.10 -33.03
C PRO E 13 -21.73 36.31 -32.99
N SER E 14 -21.30 37.40 -32.35
CA SER E 14 -22.11 38.63 -32.23
C SER E 14 -21.32 39.86 -31.75
N SER E 15 -22.02 40.79 -31.11
CA SER E 15 -21.50 42.12 -30.76
C SER E 15 -20.10 42.25 -30.13
N LYS E 16 -19.76 41.75 -28.92
CA LYS E 16 -20.48 40.87 -27.94
C LYS E 16 -19.64 39.60 -27.75
N SER E 17 -19.27 38.99 -28.89
CA SER E 17 -18.18 38.04 -28.96
C SER E 17 -17.08 38.64 -29.84
N THR E 18 -17.27 39.91 -30.24
CA THR E 18 -16.32 40.66 -31.08
C THR E 18 -15.48 41.65 -30.25
N SER E 19 -14.20 41.73 -30.62
CA SER E 19 -13.20 42.54 -29.94
C SER E 19 -12.05 42.81 -30.91
N GLY E 20 -11.68 44.08 -31.08
CA GLY E 20 -10.71 44.49 -32.08
C GLY E 20 -11.26 44.12 -33.44
N GLY E 21 -10.49 43.34 -34.20
CA GLY E 21 -11.00 42.76 -35.45
C GLY E 21 -11.43 41.30 -35.31
N THR E 22 -11.51 40.81 -34.08
CA THR E 22 -11.70 39.38 -33.82
C THR E 22 -13.10 39.05 -33.34
N ALA E 23 -13.67 37.96 -33.87
CA ALA E 23 -14.95 37.43 -33.35
C ALA E 23 -14.82 35.96 -32.89
N ALA E 24 -15.35 35.71 -31.69
CA ALA E 24 -15.36 34.36 -31.11
C ALA E 24 -16.66 33.64 -31.39
N LEU E 25 -16.56 32.40 -31.85
CA LEU E 25 -17.73 31.54 -32.07
C LEU E 25 -17.42 30.13 -31.58
N GLY E 26 -18.43 29.27 -31.47
CA GLY E 26 -18.21 27.90 -31.01
C GLY E 26 -19.39 26.95 -31.00
N CYS E 27 -19.21 25.83 -30.31
CA CYS E 27 -20.26 24.81 -30.16
C CYS E 27 -20.36 24.33 -28.71
N LEU E 28 -21.59 24.04 -28.30
CA LEU E 28 -21.86 23.47 -26.99
C LEU E 28 -22.29 22.01 -27.14
N VAL E 29 -21.35 21.12 -26.79
CA VAL E 29 -21.55 19.67 -26.85
C VAL E 29 -22.14 19.22 -25.51
N LYS E 30 -23.45 19.01 -25.47
CA LYS E 30 -24.16 18.90 -24.21
C LYS E 30 -24.86 17.57 -23.97
N ASP E 31 -24.83 17.16 -22.71
CA ASP E 31 -25.58 16.01 -22.22
C ASP E 31 -25.21 14.69 -22.93
N TYR E 32 -23.94 14.30 -22.84
CA TYR E 32 -23.52 12.97 -23.34
C TYR E 32 -22.91 12.08 -22.25
N PHE E 33 -22.88 10.77 -22.50
CA PHE E 33 -22.25 9.82 -21.60
C PHE E 33 -21.80 8.57 -22.36
N PRO E 34 -20.57 8.05 -22.07
CA PRO E 34 -19.48 8.58 -21.24
C PRO E 34 -18.50 9.44 -22.02
N GLU E 35 -17.35 9.71 -21.44
CA GLU E 35 -16.20 10.23 -22.17
C GLU E 35 -15.71 9.13 -23.12
N PRO E 36 -14.96 9.50 -24.19
CA PRO E 36 -14.58 10.85 -24.56
C PRO E 36 -15.42 11.40 -25.71
N VAL E 37 -15.20 12.66 -26.05
CA VAL E 37 -15.73 13.27 -27.28
C VAL E 37 -14.60 14.03 -27.96
N THR E 38 -14.51 13.92 -29.28
CA THR E 38 -13.57 14.73 -30.04
C THR E 38 -14.34 15.80 -30.80
N VAL E 39 -13.78 17.00 -30.84
CA VAL E 39 -14.30 18.09 -31.66
C VAL E 39 -13.21 18.69 -32.52
N SER E 40 -13.48 18.82 -33.82
CA SER E 40 -12.61 19.57 -34.74
C SER E 40 -13.38 20.61 -35.56
N TRP E 41 -12.64 21.52 -36.20
CA TRP E 41 -13.25 22.57 -37.03
C TRP E 41 -12.92 22.42 -38.51
N ASN E 42 -13.94 22.59 -39.35
CA ASN E 42 -13.83 22.50 -40.81
C ASN E 42 -13.06 21.27 -41.28
N SER E 43 -13.51 20.12 -40.78
CA SER E 43 -12.86 18.82 -41.01
C SER E 43 -11.33 18.80 -40.85
N GLY E 44 -10.78 19.69 -40.03
CA GLY E 44 -9.35 19.69 -39.75
C GLY E 44 -8.57 20.88 -40.28
N ALA E 45 -9.12 21.58 -41.28
CA ALA E 45 -8.42 22.71 -41.91
C ALA E 45 -8.46 24.01 -41.09
N LEU E 46 -8.95 23.94 -39.86
CA LEU E 46 -9.03 25.08 -38.96
C LEU E 46 -8.57 24.71 -37.58
N THR E 47 -7.34 25.09 -37.24
CA THR E 47 -6.74 24.71 -35.96
C THR E 47 -6.26 25.94 -35.17
N SER E 48 -5.85 26.96 -35.91
CA SER E 48 -5.34 28.21 -35.33
C SER E 48 -6.42 28.99 -34.56
N GLY E 49 -6.17 29.22 -33.27
CA GLY E 49 -7.11 29.95 -32.40
C GLY E 49 -8.24 29.12 -31.81
N VAL E 50 -8.20 27.81 -32.03
CA VAL E 50 -9.20 26.87 -31.51
C VAL E 50 -8.91 26.50 -30.06
N HIS E 51 -9.94 26.50 -29.23
CA HIS E 51 -9.84 26.02 -27.86
C HIS E 51 -10.94 25.01 -27.63
N THR E 52 -10.58 23.73 -27.52
CA THR E 52 -11.54 22.72 -27.10
C THR E 52 -11.31 22.47 -25.62
N PHE E 53 -12.37 22.63 -24.83
CA PHE E 53 -12.24 22.61 -23.36
C PHE E 53 -12.41 21.22 -22.76
N PRO E 54 -11.90 21.02 -21.53
CA PRO E 54 -12.16 19.76 -20.82
C PRO E 54 -13.66 19.66 -20.56
N ALA E 55 -14.20 18.45 -20.55
CA ALA E 55 -15.61 18.30 -20.22
C ALA E 55 -15.83 18.57 -18.74
N VAL E 56 -17.07 18.86 -18.36
CA VAL E 56 -17.43 18.86 -16.95
C VAL E 56 -18.53 17.83 -16.76
N LEU E 57 -18.58 17.26 -15.55
CA LEU E 57 -19.60 16.30 -15.17
C LEU E 57 -20.69 17.02 -14.40
N GLN E 58 -21.91 16.93 -14.87
CA GLN E 58 -23.01 17.68 -14.31
C GLN E 58 -23.71 16.90 -13.20
N SER E 59 -24.48 17.60 -12.36
CA SER E 59 -25.28 16.98 -11.30
C SER E 59 -26.19 15.89 -11.85
N SER E 60 -26.47 15.94 -13.15
CA SER E 60 -27.35 14.98 -13.82
C SER E 60 -26.65 13.66 -14.12
N GLY E 61 -25.32 13.66 -14.07
CA GLY E 61 -24.53 12.49 -14.43
C GLY E 61 -24.06 12.50 -15.88
N LEU E 62 -24.50 13.48 -16.67
CA LEU E 62 -24.09 13.57 -18.07
C LEU E 62 -22.95 14.58 -18.21
N TYR E 63 -22.14 14.42 -19.26
CA TYR E 63 -21.02 15.31 -19.50
C TYR E 63 -21.38 16.45 -20.45
N SER E 64 -20.67 17.56 -20.33
CA SER E 64 -20.89 18.73 -21.20
C SER E 64 -19.60 19.49 -21.47
N LEU E 65 -19.28 19.72 -22.73
CA LEU E 65 -18.12 20.52 -23.07
C LEU E 65 -18.38 21.57 -24.15
N SER E 66 -17.50 22.56 -24.21
CA SER E 66 -17.57 23.59 -25.22
C SER E 66 -16.27 23.64 -26.02
N SER E 67 -16.40 24.01 -27.29
CA SER E 67 -15.26 24.24 -28.16
C SER E 67 -15.47 25.56 -28.89
N VAL E 68 -14.49 26.46 -28.78
CA VAL E 68 -14.57 27.78 -29.39
C VAL E 68 -13.41 28.09 -30.32
N VAL E 69 -13.61 29.09 -31.18
CA VAL E 69 -12.55 29.58 -32.06
C VAL E 69 -12.70 31.09 -32.28
N THR E 70 -11.58 31.80 -32.37
CA THR E 70 -11.62 33.22 -32.73
C THR E 70 -11.17 33.34 -34.17
N VAL E 71 -11.77 34.28 -34.89
CA VAL E 71 -11.45 34.53 -36.30
C VAL E 71 -11.60 36.03 -36.63
N PRO E 72 -11.13 36.46 -37.82
CA PRO E 72 -11.43 37.84 -38.24
C PRO E 72 -12.93 38.01 -38.46
N SER E 73 -13.51 39.08 -37.91
CA SER E 73 -14.95 39.35 -38.08
C SER E 73 -15.30 39.65 -39.54
N SER E 74 -14.33 40.21 -40.27
CA SER E 74 -14.45 40.42 -41.71
C SER E 74 -14.89 39.16 -42.47
N SER E 75 -14.45 37.98 -42.01
CA SER E 75 -14.73 36.72 -42.72
C SER E 75 -16.09 36.09 -42.41
N LEU E 76 -16.83 36.70 -41.48
CA LEU E 76 -18.06 36.07 -40.95
C LEU E 76 -19.12 35.66 -41.98
N GLY E 77 -19.50 36.59 -42.87
CA GLY E 77 -20.52 36.33 -43.90
C GLY E 77 -20.06 35.44 -45.04
N THR E 78 -18.77 35.53 -45.38
CA THR E 78 -18.19 34.78 -46.51
C THR E 78 -17.79 33.36 -46.09
N GLN E 79 -16.80 33.27 -45.20
CA GLN E 79 -16.24 32.00 -44.73
C GLN E 79 -17.22 31.17 -43.86
N THR E 80 -17.32 29.88 -44.16
CA THR E 80 -18.19 28.96 -43.41
C THR E 80 -17.46 28.23 -42.26
N TYR E 81 -18.18 28.00 -41.16
CA TYR E 81 -17.61 27.41 -39.94
C TYR E 81 -18.41 26.21 -39.40
N ILE E 82 -17.81 25.02 -39.48
CA ILE E 82 -18.44 23.78 -39.06
C ILE E 82 -17.62 23.06 -37.97
N CYS E 83 -18.26 22.76 -36.85
CA CYS E 83 -17.63 21.96 -35.81
C CYS E 83 -18.04 20.51 -35.96
N ASN E 84 -17.05 19.64 -36.08
CA ASN E 84 -17.26 18.21 -36.28
C ASN E 84 -17.16 17.49 -34.95
N VAL E 85 -18.27 16.90 -34.52
CA VAL E 85 -18.39 16.32 -33.20
C VAL E 85 -18.47 14.81 -33.32
N ASN E 86 -17.59 14.11 -32.60
CA ASN E 86 -17.62 12.65 -32.56
C ASN E 86 -17.75 12.13 -31.13
N HIS E 87 -18.81 11.38 -30.89
CA HIS E 87 -18.95 10.63 -29.65
C HIS E 87 -18.92 9.15 -29.99
N LYS E 88 -17.71 8.63 -30.14
CA LYS E 88 -17.48 7.23 -30.51
C LYS E 88 -18.25 6.20 -29.66
N PRO E 89 -18.33 6.39 -28.33
CA PRO E 89 -19.14 5.48 -27.51
C PRO E 89 -20.60 5.31 -27.94
N SER E 90 -21.24 6.36 -28.46
CA SER E 90 -22.64 6.24 -28.86
C SER E 90 -22.85 6.17 -30.36
N ASN E 91 -21.75 6.19 -31.12
CA ASN E 91 -21.81 6.31 -32.59
C ASN E 91 -22.64 7.53 -32.96
N THR E 92 -22.20 8.69 -32.48
CA THR E 92 -22.84 9.95 -32.82
C THR E 92 -21.78 10.82 -33.49
N LYS E 93 -22.02 11.12 -34.76
CA LYS E 93 -21.22 12.10 -35.47
C LYS E 93 -22.15 13.23 -35.91
N VAL E 94 -21.76 14.46 -35.61
CA VAL E 94 -22.56 15.64 -35.97
C VAL E 94 -21.69 16.75 -36.53
N ASP E 95 -22.07 17.25 -37.70
CA ASP E 95 -21.43 18.42 -38.28
C ASP E 95 -22.39 19.60 -38.18
N LYS E 96 -22.01 20.59 -37.37
CA LYS E 96 -22.87 21.73 -37.07
C LYS E 96 -22.30 23.02 -37.65
N LYS E 97 -23.08 23.66 -38.52
CA LYS E 97 -22.74 24.99 -39.03
C LYS E 97 -23.14 26.00 -37.97
N VAL E 98 -22.29 27.02 -37.80
CA VAL E 98 -22.56 28.06 -36.82
C VAL E 98 -22.69 29.43 -37.53
N GLU E 99 -23.91 29.97 -37.52
CA GLU E 99 -24.24 31.20 -38.21
C GLU E 99 -24.45 32.37 -37.24
N PRO E 100 -23.96 33.58 -37.59
CA PRO E 100 -24.43 34.82 -36.95
C PRO E 100 -25.83 35.22 -37.43
N LYS E 101 -26.45 36.24 -36.83
CA LYS E 101 -27.74 36.77 -37.32
C LYS E 101 -27.58 37.82 -38.46
N SER E 102 -27.48 39.10 -38.09
CA SER E 102 -27.11 40.20 -39.00
C SER E 102 -26.20 41.15 -38.21
N GLU E 103 -24.86 41.05 -38.27
CA GLU E 103 -24.03 40.39 -39.30
C GLU E 103 -23.66 41.38 -40.42
N PHE E 104 -24.65 42.17 -40.84
CA PHE E 104 -24.51 43.30 -41.80
C PHE E 104 -23.07 43.78 -42.16
N GLU E 105 -22.53 44.78 -41.47
CA GLU E 105 -21.22 45.35 -41.84
C GLU E 105 -20.19 45.29 -40.71
N THR F 23 16.37 -33.92 50.06
CA THR F 23 15.34 -34.10 48.99
C THR F 23 15.56 -33.17 47.78
N ALA F 24 16.14 -32.00 48.01
CA ALA F 24 16.34 -31.00 46.96
C ALA F 24 17.37 -31.47 45.94
N THR F 25 16.97 -31.45 44.67
CA THR F 25 17.72 -32.13 43.63
C THR F 25 18.31 -31.12 42.60
N PHE F 26 19.40 -31.50 41.94
CA PHE F 26 20.05 -30.59 41.00
C PHE F 26 20.08 -31.11 39.55
N HIS F 27 19.70 -30.26 38.60
CA HIS F 27 19.60 -30.66 37.19
C HIS F 27 20.34 -29.72 36.27
N ARG F 28 21.02 -30.29 35.26
CA ARG F 28 21.62 -29.52 34.18
C ARG F 28 21.27 -30.13 32.83
N CYS F 29 21.47 -29.37 31.76
CA CYS F 29 21.14 -29.81 30.41
C CYS F 29 21.99 -31.02 30.05
N ALA F 30 21.37 -31.99 29.39
CA ALA F 30 22.02 -33.23 29.02
C ALA F 30 23.07 -32.99 27.93
N LYS F 31 22.82 -32.02 27.06
CA LYS F 31 23.78 -31.69 26.01
C LYS F 31 24.83 -30.72 26.56
N ASP F 32 26.03 -31.24 26.79
CA ASP F 32 27.13 -30.47 27.40
C ASP F 32 27.35 -29.02 26.91
N PRO F 33 27.47 -28.82 25.58
CA PRO F 33 27.76 -27.48 25.07
C PRO F 33 26.65 -26.48 25.26
N TRP F 34 25.48 -26.95 25.66
CA TRP F 34 24.33 -26.07 25.84
C TRP F 34 24.18 -25.59 27.27
N ARG F 35 24.95 -26.20 28.16
CA ARG F 35 24.99 -25.80 29.54
C ARG F 35 25.50 -24.37 29.69
N LEU F 36 24.82 -23.61 30.55
CA LEU F 36 25.23 -22.26 30.87
C LEU F 36 25.54 -22.13 32.36
N PRO F 37 26.63 -22.81 32.83
CA PRO F 37 26.97 -22.74 34.27
C PRO F 37 27.07 -21.31 34.80
N GLY F 38 26.68 -21.10 36.06
CA GLY F 38 26.81 -19.79 36.68
C GLY F 38 25.49 -19.04 36.80
N THR F 39 24.44 -19.56 36.18
CA THR F 39 23.10 -19.00 36.33
C THR F 39 22.11 -20.14 36.57
N TYR F 40 21.26 -20.01 37.58
CA TYR F 40 20.47 -21.14 38.04
C TYR F 40 19.03 -20.78 38.31
N VAL F 41 18.13 -21.68 37.97
CA VAL F 41 16.74 -21.45 38.30
C VAL F 41 16.44 -22.25 39.56
N VAL F 42 16.22 -21.53 40.66
CA VAL F 42 15.86 -22.14 41.93
C VAL F 42 14.34 -22.27 41.95
N VAL F 43 13.87 -23.50 41.93
CA VAL F 43 12.43 -23.76 41.80
C VAL F 43 11.95 -24.32 43.11
N LEU F 44 10.99 -23.61 43.71
CA LEU F 44 10.53 -23.91 45.04
C LEU F 44 9.29 -24.80 45.03
N LYS F 45 8.97 -25.36 46.18
CA LYS F 45 7.90 -26.33 46.34
C LYS F 45 6.56 -25.75 45.89
N GLU F 46 5.64 -26.63 45.52
CA GLU F 46 4.45 -26.28 44.73
C GLU F 46 3.67 -25.04 45.13
N GLU F 47 3.35 -24.89 46.40
CA GLU F 47 2.44 -23.81 46.82
C GLU F 47 3.13 -22.59 47.45
N THR F 48 4.44 -22.48 47.27
CA THR F 48 5.21 -21.39 47.84
C THR F 48 4.74 -20.05 47.29
N HIS F 49 4.44 -19.10 48.17
CA HIS F 49 3.98 -17.76 47.77
C HIS F 49 5.13 -16.86 47.42
N LEU F 50 4.81 -15.78 46.71
CA LEU F 50 5.79 -14.82 46.19
C LEU F 50 6.62 -14.19 47.30
N SER F 51 6.00 -14.00 48.46
CA SER F 51 6.71 -13.41 49.58
C SER F 51 7.69 -14.41 50.17
N GLN F 52 7.33 -15.70 50.14
CA GLN F 52 8.24 -16.73 50.64
C GLN F 52 9.40 -16.91 49.69
N SER F 53 9.15 -16.61 48.42
CA SER F 53 10.16 -16.74 47.37
CA SER F 53 10.17 -16.74 47.38
C SER F 53 11.23 -15.66 47.53
N GLU F 54 10.77 -14.42 47.73
CA GLU F 54 11.66 -13.30 47.99
C GLU F 54 12.52 -13.53 49.26
N ARG F 55 11.89 -14.06 50.32
CA ARG F 55 12.61 -14.41 51.56
C ARG F 55 13.71 -15.43 51.31
N THR F 56 13.40 -16.52 50.61
CA THR F 56 14.38 -17.54 50.26
C THR F 56 15.58 -16.98 49.48
N ALA F 57 15.29 -16.11 48.50
CA ALA F 57 16.35 -15.49 47.70
C ALA F 57 17.21 -14.60 48.59
N ARG F 58 16.54 -13.82 49.44
CA ARG F 58 17.26 -12.99 50.38
C ARG F 58 18.12 -13.81 51.31
N ARG F 59 17.58 -14.93 51.77
CA ARG F 59 18.35 -15.83 52.59
C ARG F 59 19.60 -16.32 51.85
N LEU F 60 19.43 -16.69 50.57
CA LEU F 60 20.56 -17.16 49.77
C LEU F 60 21.67 -16.12 49.73
N GLN F 61 21.24 -14.89 49.45
CA GLN F 61 22.10 -13.72 49.22
C GLN F 61 22.95 -13.44 50.45
N ALA F 62 22.31 -13.42 51.62
CA ALA F 62 22.94 -13.12 52.92
C ALA F 62 23.88 -14.24 53.30
N GLN F 63 23.37 -15.45 53.14
CA GLN F 63 24.09 -16.67 53.40
C GLN F 63 25.32 -16.79 52.51
N ALA F 64 25.27 -16.23 51.31
CA ALA F 64 26.41 -16.28 50.39
C ALA F 64 27.44 -15.18 50.68
N ALA F 65 26.94 -13.97 50.97
CA ALA F 65 27.76 -12.83 51.39
C ALA F 65 28.61 -13.17 52.61
N ARG F 66 28.01 -13.90 53.55
CA ARG F 66 28.65 -14.40 54.75
C ARG F 66 29.91 -15.22 54.43
N ARG F 67 30.03 -15.64 53.17
CA ARG F 67 31.15 -16.48 52.75
C ARG F 67 32.04 -15.78 51.74
N GLY F 68 31.63 -14.60 51.29
CA GLY F 68 32.45 -13.82 50.36
C GLY F 68 32.05 -13.95 48.91
N TYR F 69 30.87 -14.52 48.68
CA TYR F 69 30.33 -14.70 47.33
C TYR F 69 29.22 -13.67 47.02
N LEU F 70 29.29 -13.06 45.84
CA LEU F 70 28.19 -12.26 45.33
C LEU F 70 27.19 -13.21 44.68
N THR F 71 25.92 -12.96 44.96
CA THR F 71 24.84 -13.58 44.22
C THR F 71 24.04 -12.45 43.65
N LYS F 72 23.66 -12.56 42.40
CA LYS F 72 22.81 -11.55 41.82
C LYS F 72 21.46 -12.21 41.58
N ILE F 73 20.41 -11.65 42.17
CA ILE F 73 19.06 -12.11 41.91
C ILE F 73 18.51 -11.38 40.68
N LEU F 74 18.53 -12.06 39.54
CA LEU F 74 18.09 -11.47 38.29
C LEU F 74 16.58 -11.30 38.21
N HIS F 75 15.84 -12.23 38.80
CA HIS F 75 14.39 -12.23 38.64
C HIS F 75 13.72 -13.14 39.63
N VAL F 76 12.62 -12.67 40.21
CA VAL F 76 11.81 -13.54 41.05
C VAL F 76 10.56 -13.94 40.28
N PHE F 77 10.37 -15.24 40.13
CA PHE F 77 9.23 -15.75 39.39
C PHE F 77 7.95 -15.65 40.21
N HIS F 78 7.05 -14.82 39.69
CA HIS F 78 5.72 -14.67 40.25
C HIS F 78 4.78 -15.75 39.67
N GLY F 79 3.92 -15.37 38.73
CA GLY F 79 2.69 -16.15 38.46
C GLY F 79 2.77 -17.41 37.63
N LEU F 80 3.98 -17.93 37.38
CA LEU F 80 4.11 -19.08 36.50
C LEU F 80 4.71 -20.32 37.16
N LEU F 81 5.63 -20.09 38.09
CA LEU F 81 6.07 -21.11 39.03
C LEU F 81 6.73 -20.39 40.20
N PRO F 82 6.81 -21.06 41.38
CA PRO F 82 7.51 -20.33 42.43
C PRO F 82 9.00 -20.61 42.31
N GLY F 83 9.81 -19.55 42.37
CA GLY F 83 11.25 -19.71 42.38
C GLY F 83 11.91 -18.40 42.03
N PHE F 84 13.20 -18.43 41.77
CA PHE F 84 13.87 -17.21 41.37
C PHE F 84 15.08 -17.53 40.49
N LEU F 85 15.67 -16.50 39.90
CA LEU F 85 16.78 -16.66 38.98
C LEU F 85 18.00 -15.97 39.55
N VAL F 86 19.09 -16.73 39.67
CA VAL F 86 20.25 -16.24 40.40
C VAL F 86 21.51 -16.46 39.62
N LYS F 87 22.37 -15.45 39.60
CA LYS F 87 23.70 -15.57 39.00
C LYS F 87 24.73 -15.68 40.11
N MET F 88 25.35 -16.85 40.22
CA MET F 88 26.29 -17.14 41.29
C MET F 88 27.29 -18.22 40.89
N SER F 89 28.41 -18.30 41.62
CA SER F 89 29.36 -19.38 41.44
C SER F 89 28.73 -20.74 41.75
N GLY F 90 29.18 -21.76 41.01
CA GLY F 90 28.71 -23.13 41.20
C GLY F 90 29.10 -23.69 42.56
N ASP F 91 30.08 -23.04 43.20
CA ASP F 91 30.51 -23.36 44.55
C ASP F 91 29.36 -23.36 45.57
N LEU F 92 28.36 -22.50 45.36
CA LEU F 92 27.28 -22.30 46.33
C LEU F 92 26.08 -23.21 46.13
N LEU F 93 26.20 -24.19 45.23
CA LEU F 93 25.06 -25.04 44.87
C LEU F 93 24.65 -25.97 46.00
N GLU F 94 25.64 -26.53 46.68
CA GLU F 94 25.40 -27.39 47.83
C GLU F 94 24.65 -26.61 48.91
N LEU F 95 25.04 -25.35 49.10
CA LEU F 95 24.38 -24.43 50.02
C LEU F 95 22.92 -24.14 49.64
N ALA F 96 22.72 -23.77 48.39
CA ALA F 96 21.41 -23.37 47.85
C ALA F 96 20.38 -24.49 47.85
N LEU F 97 20.84 -25.74 47.74
CA LEU F 97 19.96 -26.90 47.82
C LEU F 97 19.45 -27.15 49.24
N LYS F 98 20.13 -26.58 50.23
CA LYS F 98 19.69 -26.73 51.62
C LYS F 98 18.68 -25.66 52.04
N LEU F 99 18.38 -24.72 51.15
CA LEU F 99 17.44 -23.63 51.46
C LEU F 99 16.02 -24.17 51.72
N PRO F 100 15.25 -23.50 52.59
CA PRO F 100 13.87 -23.93 52.82
C PRO F 100 13.04 -23.83 51.55
N HIS F 101 12.19 -24.83 51.31
CA HIS F 101 11.22 -24.85 50.21
C HIS F 101 11.75 -25.31 48.86
N VAL F 102 13.06 -25.55 48.75
CA VAL F 102 13.62 -25.87 47.43
C VAL F 102 13.13 -27.24 46.95
N ASP F 103 12.57 -27.26 45.74
CA ASP F 103 12.19 -28.49 45.08
C ASP F 103 13.40 -29.04 44.35
N TYR F 104 13.96 -28.23 43.46
CA TYR F 104 15.13 -28.61 42.65
C TYR F 104 15.74 -27.34 42.07
N ILE F 105 16.99 -27.41 41.65
CA ILE F 105 17.66 -26.29 40.98
C ILE F 105 18.10 -26.73 39.58
N GLU F 106 17.82 -25.91 38.57
CA GLU F 106 18.25 -26.18 37.20
C GLU F 106 19.26 -25.13 36.71
N GLU F 107 20.42 -25.59 36.27
CA GLU F 107 21.41 -24.76 35.60
C GLU F 107 20.80 -24.26 34.31
N ASP F 108 20.94 -22.97 34.03
CA ASP F 108 20.42 -22.37 32.80
C ASP F 108 21.05 -23.08 31.60
N SER F 109 20.38 -23.04 30.46
CA SER F 109 20.88 -23.67 29.24
C SER F 109 20.33 -22.98 27.99
N SER F 110 20.99 -23.22 26.86
CA SER F 110 20.66 -22.51 25.61
C SER F 110 19.41 -23.01 24.91
N VAL F 111 18.65 -22.09 24.31
CA VAL F 111 17.62 -22.43 23.35
C VAL F 111 17.98 -21.85 21.96
N PHE F 112 17.53 -22.48 20.90
CA PHE F 112 17.92 -22.09 19.54
C PHE F 112 16.72 -21.96 18.61
N ALA F 113 16.77 -20.95 17.74
CA ALA F 113 15.82 -20.83 16.63
C ALA F 113 15.78 -22.12 15.83
N GLN F 114 14.58 -22.57 15.49
CA GLN F 114 14.38 -23.86 14.79
C GLN F 114 13.82 -23.69 13.37
CA CA G . 3.20 -32.06 22.92
#